data_8U56
#
_entry.id   8U56
#
_cell.length_a   1.00
_cell.length_b   1.00
_cell.length_c   1.00
_cell.angle_alpha   90.00
_cell.angle_beta   90.00
_cell.angle_gamma   90.00
#
_symmetry.space_group_name_H-M   'P 1'
#
loop_
_entity.id
_entity.type
_entity.pdbx_description
1 polymer 'Integral membrane protein GPR155'
2 non-polymer 'Lauryl Maltose Neopentyl Glycol'
3 non-polymer 'CHOLESTEROL HEMISUCCINATE'
#
_entity_poly.entity_id   1
_entity_poly.type   'polypeptide(L)'
_entity_poly.pdbx_seq_one_letter_code
;MNSNLPAENLTIAVNMTKTLPTAVTHGFNSTNDPPSMSITRLFPALLECFGIVLCGYIAGRANVITSTQAKGLGNFVSRF
ALPALLFKNMVVLNFSNVDWSFLYSILIAKASVFFIVCVLTLLVASPDSRFSKAGLFPIFATQSNDFALGYPIVEALYQT
TYPEYLQYIYLVAPISLMMLNPIGFIFCEIQKWKDTQNASQNKIKIVGLGLLRVLQNPIVFMVFIGIAFNFILDRKVPVY
VENFLDGLGNSFSGSALFYLGLTMVGKIKRLKKSAFVVLILLITAKLLVLPLLCREMVELLDKGDSVVNHTSLSNYAFLY
GVFPVAPGVAIFATQFNMEVEIITSGMVISTFVSAPIMYVSAWLLTFPTMDPKPLAYAIQNVSFDISIVSLISLIWSLAI
LLLSKKYKQLPHMLTTNLLIAQSIVCAGMMIWNFVKEKNFVGQILVFVLLYSSLYSTYLWTGLLAISLFLLKKRERVQIP
VGIIIISGWGIPALLVGVLLITGKHNGDSIDSAFFYGKEQMITTAVTLFCSILIAGISLMCMNQTAQAGSYEGFDQSQSH
KVVEPGNTAFEESPAPVNEPELFTSSIPETSCCSCSMGNGELHCPSIEPIANTSTSEPVIPSFEKNNHCVSRCNSQSCIL
AQEEEQYLQSGDQQLTRHVLLCLLLIIGLFANLSSCLWWLFNQEPGRLYVELQFFCAVFNFGQGFISFGIFGLDKHLIIL
PFKRRLEFLWNNKDTAENRDSPVSEEIKMTCQQFIHYHRDLCIRNIVKERRCGAKTSAGTFCGCDLVSWLIEVGLASDRG
EAVIYGDRLVQGGVIQHITNEYEFRDEYLFYRFLQKSPEQSPPAINANTLQQERYKEIEHSSPPSHSPKTGSGSDYKDDD
DKDYKDDDDK
;
_entity_poly.pdbx_strand_id   A,B
#
# COMPACT_ATOMS: atom_id res chain seq x y z
N MET A 37 -11.21 27.52 5.04
CA MET A 37 -11.15 26.10 4.72
C MET A 37 -10.32 25.87 3.45
N SER A 38 -9.65 24.73 3.35
CA SER A 38 -8.83 24.45 2.17
C SER A 38 -9.63 23.70 1.12
N ILE A 39 -10.77 24.28 0.75
CA ILE A 39 -11.71 23.64 -0.15
C ILE A 39 -11.11 23.45 -1.55
N THR A 40 -10.12 24.26 -1.89
CA THR A 40 -9.42 24.07 -3.17
C THR A 40 -8.62 22.77 -3.19
N ARG A 41 -8.23 22.25 -2.03
CA ARG A 41 -7.56 20.94 -1.97
C ARG A 41 -8.49 19.79 -2.25
N LEU A 42 -9.81 20.01 -2.24
CA LEU A 42 -10.75 18.89 -2.35
C LEU A 42 -10.73 18.27 -3.73
N PHE A 43 -10.64 19.07 -4.80
CA PHE A 43 -10.64 18.44 -6.11
C PHE A 43 -9.36 17.64 -6.35
N PRO A 44 -8.16 18.14 -6.00
CA PRO A 44 -6.99 17.26 -6.01
C PRO A 44 -7.17 16.00 -5.20
N ALA A 45 -7.78 16.11 -4.03
CA ALA A 45 -7.95 14.97 -3.13
C ALA A 45 -8.93 13.96 -3.70
N LEU A 46 -10.04 14.45 -4.24
CA LEU A 46 -11.00 13.56 -4.88
C LEU A 46 -10.39 12.91 -6.11
N LEU A 47 -9.71 13.70 -6.94
CA LEU A 47 -9.07 13.14 -8.12
C LEU A 47 -8.05 12.08 -7.75
N GLU A 48 -7.23 12.32 -6.73
CA GLU A 48 -6.37 11.27 -6.21
C GLU A 48 -7.17 10.03 -5.84
N CYS A 49 -8.12 10.18 -4.92
CA CYS A 49 -8.71 8.99 -4.30
C CYS A 49 -9.60 8.24 -5.28
N PHE A 50 -10.47 8.95 -5.98
CA PHE A 50 -11.28 8.32 -7.01
C PHE A 50 -10.48 7.97 -8.25
N GLY A 51 -9.30 8.56 -8.47
CA GLY A 51 -8.44 8.08 -9.54
C GLY A 51 -7.77 6.77 -9.19
N ILE A 52 -7.48 6.57 -7.90
CA ILE A 52 -6.99 5.27 -7.46
C ILE A 52 -8.11 4.23 -7.52
N VAL A 53 -9.34 4.64 -7.19
CA VAL A 53 -10.50 3.75 -7.40
C VAL A 53 -10.67 3.43 -8.88
N LEU A 54 -10.44 4.41 -9.74
CA LEU A 54 -10.51 4.18 -11.18
C LEU A 54 -9.39 3.26 -11.64
N CYS A 55 -8.21 3.35 -11.02
CA CYS A 55 -7.14 2.42 -11.34
C CYS A 55 -7.51 1.01 -10.95
N GLY A 56 -8.09 0.83 -9.77
CA GLY A 56 -8.57 -0.49 -9.39
C GLY A 56 -9.63 -1.00 -10.34
N TYR A 57 -10.52 -0.11 -10.78
CA TYR A 57 -11.58 -0.51 -11.69
C TYR A 57 -11.03 -0.90 -13.06
N ILE A 58 -10.13 -0.08 -13.60
CA ILE A 58 -9.44 -0.41 -14.85
C ILE A 58 -8.70 -1.73 -14.71
N ALA A 59 -7.96 -1.91 -13.61
CA ALA A 59 -7.16 -3.11 -13.41
C ALA A 59 -8.02 -4.36 -13.31
N GLY A 60 -9.12 -4.30 -12.58
CA GLY A 60 -9.95 -5.46 -12.42
C GLY A 60 -10.77 -5.77 -13.66
N ARG A 61 -11.18 -4.73 -14.37
CA ARG A 61 -12.00 -4.91 -15.56
C ARG A 61 -11.16 -5.35 -16.75
N ALA A 62 -9.90 -4.91 -16.81
CA ALA A 62 -8.93 -5.39 -17.78
C ALA A 62 -8.32 -6.74 -17.40
N ASN A 63 -8.74 -7.33 -16.30
CA ASN A 63 -8.23 -8.59 -15.76
C ASN A 63 -6.73 -8.56 -15.48
N VAL A 64 -6.16 -7.36 -15.29
CA VAL A 64 -4.83 -7.26 -14.70
C VAL A 64 -4.81 -7.93 -13.33
N ILE A 65 -5.92 -7.82 -12.60
CA ILE A 65 -6.12 -8.49 -11.33
C ILE A 65 -7.49 -9.16 -11.38
N THR A 66 -7.53 -10.49 -11.31
CA THR A 66 -8.79 -11.21 -11.32
C THR A 66 -9.44 -11.14 -9.93
N SER A 67 -10.69 -11.59 -9.85
CA SER A 67 -11.44 -11.49 -8.59
C SER A 67 -10.82 -12.34 -7.49
N THR A 68 -10.22 -13.48 -7.85
CA THR A 68 -9.50 -14.28 -6.86
C THR A 68 -8.23 -13.58 -6.41
N GLN A 69 -7.49 -13.01 -7.35
CA GLN A 69 -6.29 -12.29 -7.03
C GLN A 69 -6.60 -11.07 -6.17
N ALA A 70 -7.74 -10.41 -6.41
CA ALA A 70 -8.11 -9.21 -5.66
C ALA A 70 -8.25 -9.48 -4.16
N LYS A 71 -8.62 -10.71 -3.77
CA LYS A 71 -8.74 -11.05 -2.36
C LYS A 71 -7.43 -10.90 -1.62
N GLY A 72 -6.30 -11.06 -2.30
CA GLY A 72 -5.02 -10.86 -1.64
C GLY A 72 -4.82 -9.42 -1.21
N LEU A 73 -5.18 -8.49 -2.09
CA LEU A 73 -5.15 -7.08 -1.73
C LEU A 73 -6.18 -6.77 -0.65
N GLY A 74 -7.34 -7.41 -0.72
CA GLY A 74 -8.37 -7.18 0.30
C GLY A 74 -7.96 -7.68 1.67
N ASN A 75 -7.35 -8.87 1.73
CA ASN A 75 -6.87 -9.42 2.98
C ASN A 75 -5.68 -8.63 3.52
N PHE A 76 -4.77 -8.18 2.64
CA PHE A 76 -3.74 -7.25 3.08
C PHE A 76 -4.35 -5.98 3.67
N VAL A 77 -5.24 -5.34 2.92
CA VAL A 77 -5.85 -4.07 3.32
C VAL A 77 -6.57 -4.21 4.66
N SER A 78 -7.47 -5.19 4.75
CA SER A 78 -8.36 -5.27 5.89
C SER A 78 -7.72 -5.94 7.10
N ARG A 79 -6.70 -6.77 6.91
CA ARG A 79 -6.15 -7.52 8.03
C ARG A 79 -4.74 -7.10 8.42
N PHE A 80 -4.09 -6.22 7.66
CA PHE A 80 -2.78 -5.72 8.06
C PHE A 80 -2.69 -4.21 7.96
N ALA A 81 -3.01 -3.64 6.79
CA ALA A 81 -2.81 -2.21 6.59
C ALA A 81 -3.80 -1.37 7.38
N LEU A 82 -5.08 -1.75 7.38
CA LEU A 82 -6.05 -1.02 8.19
C LEU A 82 -5.86 -1.20 9.69
N PRO A 83 -5.73 -2.42 10.21
CA PRO A 83 -5.53 -2.53 11.67
C PRO A 83 -4.28 -1.81 12.15
N ALA A 84 -3.22 -1.77 11.34
CA ALA A 84 -2.04 -0.99 11.71
C ALA A 84 -2.35 0.50 11.76
N LEU A 85 -3.09 0.99 10.77
CA LEU A 85 -3.46 2.41 10.74
C LEU A 85 -4.33 2.76 11.94
N LEU A 86 -5.33 1.94 12.20
CA LEU A 86 -6.17 2.08 13.39
C LEU A 86 -5.33 2.10 14.65
N PHE A 87 -4.49 1.08 14.84
CA PHE A 87 -3.71 0.98 16.07
C PHE A 87 -2.82 2.20 16.25
N LYS A 88 -2.10 2.60 15.22
CA LYS A 88 -1.23 3.77 15.30
C LYS A 88 -2.01 5.00 15.72
N ASN A 89 -3.09 5.31 15.00
CA ASN A 89 -3.82 6.54 15.27
C ASN A 89 -4.50 6.49 16.63
N MET A 90 -5.02 5.32 17.02
CA MET A 90 -5.67 5.16 18.31
C MET A 90 -4.68 5.27 19.46
N VAL A 91 -3.47 4.73 19.31
CA VAL A 91 -2.47 4.86 20.37
C VAL A 91 -2.01 6.31 20.50
N VAL A 92 -1.90 7.03 19.38
CA VAL A 92 -1.42 8.40 19.39
C VAL A 92 -2.50 9.40 19.86
N LEU A 93 -3.74 8.97 19.92
CA LEU A 93 -4.90 9.85 20.07
C LEU A 93 -4.94 10.53 21.43
N ASN A 94 -4.93 11.86 21.43
CA ASN A 94 -5.05 12.64 22.66
C ASN A 94 -6.52 12.79 23.01
N PHE A 95 -7.04 11.86 23.81
CA PHE A 95 -8.48 11.81 24.07
C PHE A 95 -8.98 13.08 24.76
N SER A 96 -8.12 13.79 25.50
CA SER A 96 -8.56 15.01 26.16
C SER A 96 -8.86 16.13 25.18
N ASN A 97 -8.34 16.04 23.96
CA ASN A 97 -8.66 17.00 22.90
C ASN A 97 -9.83 16.57 22.02
N VAL A 98 -10.42 15.39 22.26
CA VAL A 98 -11.53 14.94 21.43
C VAL A 98 -12.80 15.70 21.80
N ASP A 99 -13.46 16.26 20.79
CA ASP A 99 -14.72 16.95 21.03
C ASP A 99 -15.82 15.90 21.08
N TRP A 100 -16.20 15.53 22.30
CA TRP A 100 -17.19 14.47 22.47
C TRP A 100 -18.56 14.91 21.98
N SER A 101 -18.83 16.22 21.94
CA SER A 101 -20.11 16.66 21.40
C SER A 101 -20.19 16.40 19.89
N PHE A 102 -19.09 16.59 19.17
CA PHE A 102 -19.05 16.18 17.77
C PHE A 102 -19.28 14.68 17.63
N LEU A 103 -18.52 13.86 18.35
CA LEU A 103 -18.72 12.42 18.26
C LEU A 103 -20.16 12.05 18.54
N TYR A 104 -20.65 12.44 19.71
CA TYR A 104 -22.02 12.22 20.12
C TYR A 104 -22.97 12.57 18.98
N SER A 105 -22.82 13.75 18.40
CA SER A 105 -23.81 14.22 17.45
C SER A 105 -23.75 13.45 16.13
N ILE A 106 -22.56 13.10 15.63
CA ILE A 106 -22.48 12.22 14.46
C ILE A 106 -23.09 10.87 14.78
N LEU A 107 -22.80 10.36 15.97
CA LEU A 107 -23.24 9.04 16.38
C LEU A 107 -24.75 8.99 16.57
N ILE A 108 -25.34 10.09 17.03
CA ILE A 108 -26.78 10.21 17.19
C ILE A 108 -27.46 10.38 15.84
N ALA A 109 -26.81 11.11 14.93
CA ALA A 109 -27.31 11.17 13.56
C ALA A 109 -27.33 9.79 12.90
N LYS A 110 -26.27 9.02 13.10
CA LYS A 110 -26.22 7.66 12.57
C LYS A 110 -27.24 6.75 13.25
N ALA A 111 -27.40 6.90 14.57
CA ALA A 111 -28.36 6.07 15.29
C ALA A 111 -29.79 6.39 14.88
N SER A 112 -30.07 7.66 14.57
CA SER A 112 -31.41 8.01 14.12
C SER A 112 -31.67 7.51 12.71
N VAL A 113 -30.67 7.60 11.80
CA VAL A 113 -30.86 6.99 10.49
C VAL A 113 -31.02 5.48 10.61
N PHE A 114 -30.32 4.87 11.56
CA PHE A 114 -30.48 3.44 11.79
C PHE A 114 -31.91 3.11 12.20
N PHE A 115 -32.42 3.79 13.21
CA PHE A 115 -33.80 3.58 13.64
C PHE A 115 -34.78 3.83 12.50
N ILE A 116 -34.59 4.92 11.76
CA ILE A 116 -35.49 5.26 10.65
C ILE A 116 -35.50 4.14 9.62
N VAL A 117 -34.33 3.77 9.09
CA VAL A 117 -34.32 2.77 8.03
C VAL A 117 -34.74 1.41 8.56
N CYS A 118 -34.46 1.14 9.84
CA CYS A 118 -34.83 -0.12 10.47
C CYS A 118 -36.35 -0.23 10.63
N VAL A 119 -36.98 0.77 11.23
CA VAL A 119 -38.43 0.76 11.42
C VAL A 119 -39.16 0.89 10.09
N LEU A 120 -38.64 1.71 9.17
CA LEU A 120 -39.23 1.79 7.84
C LEU A 120 -39.14 0.45 7.13
N THR A 121 -38.00 -0.25 7.23
CA THR A 121 -37.89 -1.56 6.62
C THR A 121 -38.81 -2.56 7.29
N LEU A 122 -38.91 -2.52 8.62
CA LEU A 122 -39.76 -3.49 9.30
C LEU A 122 -41.23 -3.26 8.98
N LEU A 123 -41.64 -2.00 8.84
CA LEU A 123 -43.00 -1.69 8.43
C LEU A 123 -43.26 -2.11 6.98
N VAL A 124 -42.30 -1.85 6.09
CA VAL A 124 -42.58 -1.90 4.66
C VAL A 124 -42.17 -3.23 4.02
N ALA A 125 -41.14 -3.90 4.50
CA ALA A 125 -40.67 -5.14 3.88
C ALA A 125 -41.57 -6.33 4.24
N SER A 126 -41.52 -7.37 3.40
CA SER A 126 -42.35 -8.55 3.62
C SER A 126 -41.78 -9.40 4.76
N PRO A 127 -42.64 -10.06 5.54
CA PRO A 127 -42.17 -10.77 6.73
C PRO A 127 -41.05 -11.78 6.47
N ASP A 128 -41.07 -12.41 5.30
CA ASP A 128 -40.09 -13.43 4.96
C ASP A 128 -38.68 -12.88 4.75
N SER A 129 -38.48 -11.58 4.80
CA SER A 129 -37.15 -11.02 4.68
C SER A 129 -36.98 -9.71 5.41
N ARG A 130 -37.99 -9.24 6.14
CA ARG A 130 -37.90 -7.94 6.77
C ARG A 130 -36.83 -7.89 7.86
N PHE A 131 -36.52 -9.00 8.53
CA PHE A 131 -35.50 -8.92 9.57
C PHE A 131 -34.08 -8.93 8.99
N SER A 132 -33.83 -9.72 7.96
CA SER A 132 -32.54 -9.60 7.28
C SER A 132 -32.41 -8.22 6.64
N LYS A 133 -33.48 -7.70 6.04
CA LYS A 133 -33.43 -6.39 5.42
C LYS A 133 -33.26 -5.29 6.45
N ALA A 134 -33.96 -5.38 7.57
CA ALA A 134 -33.86 -4.37 8.62
C ALA A 134 -32.57 -4.48 9.40
N GLY A 135 -31.80 -5.55 9.21
CA GLY A 135 -30.44 -5.55 9.69
C GLY A 135 -29.50 -4.85 8.73
N LEU A 136 -29.48 -5.32 7.48
CA LEU A 136 -28.44 -4.83 6.57
C LEU A 136 -28.75 -3.47 5.96
N PHE A 137 -30.01 -3.16 5.67
CA PHE A 137 -30.35 -1.85 5.13
C PHE A 137 -29.95 -0.69 6.05
N PRO A 138 -30.17 -0.73 7.37
CA PRO A 138 -29.67 0.36 8.23
C PRO A 138 -28.16 0.40 8.35
N ILE A 139 -27.49 -0.75 8.35
CA ILE A 139 -26.04 -0.74 8.35
C ILE A 139 -25.52 -0.10 7.06
N PHE A 140 -26.15 -0.40 5.93
CA PHE A 140 -25.84 0.29 4.68
C PHE A 140 -26.01 1.80 4.85
N ALA A 141 -27.16 2.23 5.35
CA ALA A 141 -27.47 3.65 5.47
C ALA A 141 -26.60 4.39 6.49
N THR A 142 -25.88 3.69 7.35
CA THR A 142 -25.11 4.38 8.39
C THR A 142 -23.61 4.08 8.40
N GLN A 143 -23.20 2.84 8.10
CA GLN A 143 -21.79 2.52 8.06
C GLN A 143 -21.17 3.09 6.79
N SER A 144 -19.94 3.56 6.91
CA SER A 144 -19.44 4.59 6.02
C SER A 144 -17.98 4.34 5.69
N ASN A 145 -17.57 4.70 4.48
CA ASN A 145 -16.23 4.39 3.99
C ASN A 145 -15.24 5.44 4.50
N ASP A 146 -15.11 5.47 5.82
CA ASP A 146 -14.39 6.54 6.49
C ASP A 146 -12.89 6.38 6.37
N PHE A 147 -12.41 5.15 6.34
CA PHE A 147 -10.97 4.91 6.31
C PHE A 147 -10.41 5.05 4.89
N ALA A 148 -10.95 4.29 3.93
CA ALA A 148 -10.37 4.34 2.59
C ALA A 148 -10.59 5.69 1.93
N LEU A 149 -11.81 6.22 1.96
CA LEU A 149 -12.12 7.48 1.31
C LEU A 149 -12.19 8.66 2.27
N GLY A 150 -12.78 8.48 3.46
CA GLY A 150 -12.96 9.61 4.34
C GLY A 150 -11.63 10.21 4.76
N TYR A 151 -10.69 9.37 5.17
CA TYR A 151 -9.46 9.90 5.77
C TYR A 151 -8.61 10.66 4.77
N PRO A 152 -8.39 10.20 3.53
CA PRO A 152 -7.66 11.04 2.57
C PRO A 152 -8.33 12.37 2.30
N ILE A 153 -9.66 12.39 2.25
CA ILE A 153 -10.41 13.59 1.93
C ILE A 153 -10.44 14.56 3.12
N VAL A 154 -10.55 14.03 4.34
CA VAL A 154 -10.54 14.86 5.53
C VAL A 154 -9.13 15.36 5.81
N GLU A 155 -8.13 14.51 5.59
CA GLU A 155 -6.74 14.94 5.70
C GLU A 155 -6.45 16.06 4.71
N ALA A 156 -6.92 15.93 3.47
CA ALA A 156 -6.73 16.98 2.49
C ALA A 156 -7.40 18.27 2.93
N LEU A 157 -8.68 18.20 3.27
CA LEU A 157 -9.45 19.41 3.58
C LEU A 157 -8.96 20.08 4.86
N TYR A 158 -8.60 19.30 5.85
CA TYR A 158 -8.55 19.82 7.20
C TYR A 158 -7.19 19.72 7.89
N GLN A 159 -6.21 19.02 7.34
CA GLN A 159 -4.94 18.91 8.05
C GLN A 159 -4.27 20.27 8.26
N THR A 160 -4.46 21.21 7.34
CA THR A 160 -3.89 22.54 7.52
C THR A 160 -4.69 23.35 8.54
N THR A 161 -6.01 23.42 8.39
CA THR A 161 -6.81 24.29 9.24
C THR A 161 -7.26 23.62 10.53
N TYR A 162 -7.80 22.41 10.44
CA TYR A 162 -8.43 21.75 11.59
C TYR A 162 -7.95 20.30 11.68
N PRO A 163 -6.68 20.09 12.04
CA PRO A 163 -6.15 18.72 12.07
C PRO A 163 -6.78 17.83 13.13
N GLU A 164 -7.47 18.39 14.12
CA GLU A 164 -8.16 17.56 15.10
C GLU A 164 -9.37 16.84 14.51
N TYR A 165 -9.92 17.34 13.41
CA TYR A 165 -11.03 16.67 12.75
C TYR A 165 -10.63 15.29 12.23
N LEU A 166 -9.34 15.07 12.00
CA LEU A 166 -8.85 13.75 11.60
C LEU A 166 -9.01 12.72 12.72
N GLN A 167 -8.96 13.15 13.99
CA GLN A 167 -9.25 12.25 15.11
C GLN A 167 -10.62 11.60 14.97
N TYR A 168 -11.62 12.40 14.60
CA TYR A 168 -13.00 11.94 14.73
C TYR A 168 -13.35 10.88 13.71
N ILE A 169 -12.59 10.73 12.62
CA ILE A 169 -12.77 9.55 11.76
C ILE A 169 -12.49 8.29 12.57
N TYR A 170 -11.35 8.28 13.26
CA TYR A 170 -10.94 7.11 14.03
C TYR A 170 -11.84 6.90 15.24
N LEU A 171 -12.38 7.96 15.83
CA LEU A 171 -13.38 7.77 16.87
C LEU A 171 -14.69 7.25 16.30
N VAL A 172 -15.32 8.03 15.41
CA VAL A 172 -16.69 7.79 15.01
C VAL A 172 -16.84 6.44 14.34
N ALA A 173 -15.99 6.15 13.34
CA ALA A 173 -16.21 4.94 12.55
C ALA A 173 -16.23 3.68 13.43
N PRO A 174 -15.23 3.42 14.28
CA PRO A 174 -15.30 2.22 15.14
C PRO A 174 -16.37 2.26 16.23
N ILE A 175 -16.59 3.40 16.88
CA ILE A 175 -17.68 3.46 17.85
C ILE A 175 -19.01 3.24 17.16
N SER A 176 -19.14 3.76 15.93
CA SER A 176 -20.33 3.53 15.13
C SER A 176 -20.51 2.05 14.82
N LEU A 177 -19.43 1.35 14.46
CA LEU A 177 -19.51 -0.09 14.28
C LEU A 177 -19.96 -0.79 15.54
N MET A 178 -19.30 -0.47 16.67
CA MET A 178 -19.62 -1.09 17.95
C MET A 178 -21.07 -0.91 18.33
N MET A 179 -21.63 0.27 18.11
CA MET A 179 -23.01 0.54 18.50
C MET A 179 -24.00 -0.05 17.51
N LEU A 180 -23.81 0.22 16.22
CA LEU A 180 -24.87 0.01 15.26
C LEU A 180 -24.80 -1.36 14.60
N ASN A 181 -23.61 -1.85 14.25
CA ASN A 181 -23.54 -3.14 13.56
C ASN A 181 -24.11 -4.31 14.35
N PRO A 182 -23.94 -4.42 15.69
CA PRO A 182 -24.52 -5.59 16.36
C PRO A 182 -26.01 -5.64 16.24
N ILE A 183 -26.69 -4.50 16.13
CA ILE A 183 -28.14 -4.49 15.97
C ILE A 183 -28.53 -5.15 14.66
N GLY A 184 -27.79 -4.86 13.58
CA GLY A 184 -28.08 -5.48 12.30
C GLY A 184 -27.71 -6.94 12.25
N PHE A 185 -26.64 -7.33 12.94
CA PHE A 185 -26.33 -8.74 13.08
C PHE A 185 -27.40 -9.46 13.89
N ILE A 186 -27.87 -8.83 14.97
CA ILE A 186 -28.97 -9.37 15.77
C ILE A 186 -30.20 -9.58 14.90
N PHE A 187 -30.49 -8.62 14.04
CA PHE A 187 -31.63 -8.76 13.13
C PHE A 187 -31.43 -9.90 12.12
N CYS A 188 -30.20 -10.10 11.63
CA CYS A 188 -29.96 -11.23 10.73
C CYS A 188 -30.08 -12.55 11.47
N GLU A 189 -29.54 -12.63 12.68
CA GLU A 189 -29.71 -13.83 13.50
C GLU A 189 -31.18 -14.09 13.81
N ILE A 190 -31.97 -13.01 13.97
CA ILE A 190 -33.39 -13.16 14.22
C ILE A 190 -34.11 -13.64 12.97
N GLN A 191 -33.67 -13.20 11.79
CA GLN A 191 -34.24 -13.79 10.58
C GLN A 191 -33.90 -15.27 10.49
N LYS A 192 -32.64 -15.61 10.76
CA LYS A 192 -32.22 -17.01 10.72
C LYS A 192 -33.05 -17.86 11.69
N TRP A 193 -33.19 -17.38 12.92
CA TRP A 193 -33.99 -18.06 13.92
C TRP A 193 -35.46 -18.15 13.52
N LYS A 194 -36.06 -17.04 13.08
CA LYS A 194 -37.50 -17.04 12.81
C LYS A 194 -37.85 -17.73 11.49
N LYS A 203 -32.42 -16.04 23.60
CA LYS A 203 -32.26 -14.62 23.28
C LYS A 203 -30.84 -14.14 23.54
N ILE A 204 -30.27 -14.59 24.67
CA ILE A 204 -28.90 -14.24 25.06
C ILE A 204 -27.89 -14.72 24.02
N LYS A 205 -28.18 -15.84 23.36
CA LYS A 205 -27.26 -16.34 22.33
C LYS A 205 -27.34 -15.51 21.06
N ILE A 206 -28.54 -15.08 20.67
CA ILE A 206 -28.68 -14.23 19.49
C ILE A 206 -27.93 -12.92 19.68
N VAL A 207 -28.11 -12.31 20.85
CA VAL A 207 -27.39 -11.07 21.18
C VAL A 207 -25.89 -11.32 21.26
N GLY A 208 -25.49 -12.46 21.81
CA GLY A 208 -24.07 -12.78 21.90
C GLY A 208 -23.42 -12.95 20.54
N LEU A 209 -24.13 -13.58 19.61
CA LEU A 209 -23.60 -13.72 18.25
C LEU A 209 -23.48 -12.36 17.56
N GLY A 210 -24.46 -11.49 17.75
CA GLY A 210 -24.34 -10.16 17.19
C GLY A 210 -23.09 -9.44 17.69
N LEU A 211 -22.96 -9.40 19.01
CA LEU A 211 -21.83 -8.71 19.62
C LEU A 211 -20.51 -9.37 19.26
N LEU A 212 -20.51 -10.70 19.08
CA LEU A 212 -19.27 -11.39 18.73
C LEU A 212 -18.87 -11.11 17.28
N ARG A 213 -19.82 -11.09 16.34
CA ARG A 213 -19.47 -10.68 14.98
C ARG A 213 -18.89 -9.27 14.95
N VAL A 214 -19.39 -8.41 15.83
CA VAL A 214 -18.83 -7.06 15.91
C VAL A 214 -17.43 -7.07 16.53
N LEU A 215 -17.25 -7.77 17.64
CA LEU A 215 -15.94 -7.81 18.28
C LEU A 215 -14.91 -8.51 17.42
N GLN A 216 -15.33 -9.48 16.60
CA GLN A 216 -14.45 -10.17 15.68
C GLN A 216 -13.93 -9.27 14.57
N ASN A 217 -14.55 -8.11 14.35
CA ASN A 217 -14.14 -7.24 13.26
C ASN A 217 -12.80 -6.59 13.59
N PRO A 218 -11.82 -6.63 12.69
CA PRO A 218 -10.51 -6.02 12.99
C PRO A 218 -10.58 -4.52 13.27
N ILE A 219 -11.59 -3.82 12.77
CA ILE A 219 -11.78 -2.41 13.13
C ILE A 219 -12.07 -2.28 14.61
N VAL A 220 -13.01 -3.09 15.10
CA VAL A 220 -13.47 -2.98 16.48
C VAL A 220 -12.37 -3.40 17.45
N PHE A 221 -11.75 -4.56 17.21
CA PHE A 221 -10.80 -5.04 18.20
C PHE A 221 -9.48 -4.28 18.12
N MET A 222 -9.04 -3.83 16.94
CA MET A 222 -7.83 -3.03 16.97
C MET A 222 -8.08 -1.63 17.51
N VAL A 223 -9.32 -1.16 17.54
CA VAL A 223 -9.56 0.09 18.26
C VAL A 223 -9.62 -0.13 19.77
N PHE A 224 -10.23 -1.23 20.23
CA PHE A 224 -10.18 -1.56 21.65
C PHE A 224 -8.73 -1.76 22.12
N ILE A 225 -7.96 -2.53 21.35
CA ILE A 225 -6.55 -2.77 21.63
C ILE A 225 -5.75 -1.47 21.58
N GLY A 226 -6.06 -0.60 20.60
CA GLY A 226 -5.37 0.67 20.52
C GLY A 226 -5.71 1.63 21.64
N ILE A 227 -6.94 1.57 22.15
CA ILE A 227 -7.31 2.35 23.34
C ILE A 227 -6.57 1.82 24.57
N ALA A 228 -6.57 0.50 24.74
CA ALA A 228 -5.85 -0.13 25.83
C ALA A 228 -4.38 0.24 25.78
N PHE A 229 -3.79 0.20 24.59
CA PHE A 229 -2.39 0.53 24.45
C PHE A 229 -2.14 2.04 24.40
N ASN A 230 -3.17 2.86 24.19
CA ASN A 230 -3.06 4.28 24.43
C ASN A 230 -2.79 4.53 25.91
N PHE A 231 -3.51 3.79 26.77
CA PHE A 231 -3.30 3.94 28.20
C PHE A 231 -2.01 3.26 28.68
N ILE A 232 -1.65 2.13 28.07
CA ILE A 232 -0.40 1.44 28.44
C ILE A 232 0.81 2.29 28.05
N LEU A 233 0.89 2.69 26.78
CA LEU A 233 2.07 3.33 26.22
C LEU A 233 2.11 4.85 26.46
N ASP A 234 1.02 5.44 26.95
CA ASP A 234 0.89 6.89 27.16
C ASP A 234 1.24 7.70 25.92
N ARG A 235 0.54 7.38 24.82
CA ARG A 235 0.47 8.16 23.59
C ARG A 235 1.81 8.29 22.86
N LYS A 236 2.76 7.42 23.14
CA LYS A 236 3.95 7.25 22.31
C LYS A 236 3.98 5.81 21.82
N VAL A 237 4.05 5.62 20.52
CA VAL A 237 4.37 4.31 19.97
C VAL A 237 5.87 4.09 20.10
N PRO A 238 6.34 2.95 20.60
CA PRO A 238 7.77 2.68 20.62
C PRO A 238 8.36 2.78 19.22
N VAL A 239 9.51 3.45 19.09
CA VAL A 239 10.02 3.87 17.79
C VAL A 239 10.20 2.69 16.83
N TYR A 240 10.69 1.54 17.33
CA TYR A 240 10.81 0.34 16.51
C TYR A 240 9.46 -0.09 15.94
N VAL A 241 8.44 -0.16 16.81
CA VAL A 241 7.11 -0.54 16.37
C VAL A 241 6.45 0.60 15.61
N GLU A 242 6.87 1.84 15.85
CA GLU A 242 6.30 2.98 15.16
C GLU A 242 6.51 2.88 13.66
N ASN A 243 7.76 2.77 13.17
CA ASN A 243 7.78 2.83 11.70
C ASN A 243 7.41 1.49 11.05
N PHE A 244 7.29 0.40 11.80
CA PHE A 244 6.57 -0.76 11.31
C PHE A 244 5.10 -0.44 11.06
N LEU A 245 4.44 0.14 12.05
CA LEU A 245 3.06 0.55 11.90
C LEU A 245 2.92 1.63 10.83
N ASP A 246 3.91 2.51 10.69
CA ASP A 246 3.92 3.49 9.61
C ASP A 246 3.91 2.80 8.26
N GLY A 247 4.83 1.85 8.03
CA GLY A 247 4.86 1.19 6.75
C GLY A 247 3.54 0.55 6.38
N LEU A 248 2.96 -0.21 7.30
CA LEU A 248 1.66 -0.82 7.02
C LEU A 248 0.55 0.22 6.86
N GLY A 249 0.49 1.18 7.78
CA GLY A 249 -0.55 2.19 7.73
C GLY A 249 -0.49 3.03 6.48
N ASN A 250 0.69 3.56 6.14
CA ASN A 250 0.88 4.30 4.90
C ASN A 250 0.47 3.47 3.69
N SER A 251 0.68 2.16 3.71
CA SER A 251 0.25 1.36 2.56
C SER A 251 -1.27 1.24 2.44
N PHE A 252 -1.99 1.41 3.55
CA PHE A 252 -3.46 1.30 3.52
C PHE A 252 -4.10 2.21 2.48
N SER A 253 -3.80 3.51 2.50
CA SER A 253 -4.59 4.47 1.71
C SER A 253 -4.74 4.04 0.26
N GLY A 254 -3.61 3.93 -0.44
CA GLY A 254 -3.66 3.57 -1.85
C GLY A 254 -4.19 2.17 -2.07
N SER A 255 -3.78 1.19 -1.24
CA SER A 255 -4.22 -0.17 -1.52
C SER A 255 -5.72 -0.33 -1.25
N ALA A 256 -6.26 0.43 -0.32
CA ALA A 256 -7.68 0.35 0.01
C ALA A 256 -8.54 0.99 -1.06
N LEU A 257 -8.14 2.17 -1.54
CA LEU A 257 -8.85 2.77 -2.66
C LEU A 257 -8.79 1.88 -3.90
N PHE A 258 -7.63 1.30 -4.17
CA PHE A 258 -7.47 0.40 -5.31
C PHE A 258 -8.30 -0.87 -5.13
N TYR A 259 -8.28 -1.45 -3.93
CA TYR A 259 -9.10 -2.63 -3.68
C TYR A 259 -10.58 -2.32 -3.83
N LEU A 260 -11.01 -1.14 -3.37
CA LEU A 260 -12.37 -0.70 -3.58
C LEU A 260 -12.71 -0.69 -5.08
N GLY A 261 -11.82 -0.14 -5.89
CA GLY A 261 -12.00 -0.22 -7.33
C GLY A 261 -12.15 -1.65 -7.83
N LEU A 262 -11.30 -2.54 -7.35
CA LEU A 262 -11.38 -3.95 -7.75
C LEU A 262 -12.70 -4.58 -7.31
N THR A 263 -13.20 -4.21 -6.14
CA THR A 263 -14.47 -4.77 -5.68
C THR A 263 -15.63 -4.21 -6.49
N MET A 264 -15.47 -3.04 -7.09
CA MET A 264 -16.57 -2.43 -7.84
C MET A 264 -16.85 -3.11 -9.19
N VAL A 265 -15.90 -3.85 -9.75
CA VAL A 265 -16.01 -4.40 -11.10
C VAL A 265 -17.18 -5.37 -11.21
N GLY A 266 -18.18 -5.00 -12.02
CA GLY A 266 -19.28 -5.89 -12.33
C GLY A 266 -20.32 -6.06 -11.26
N LYS A 267 -20.28 -5.25 -10.20
CA LYS A 267 -21.23 -5.40 -9.10
C LYS A 267 -22.54 -4.66 -9.34
N ILE A 268 -22.59 -3.73 -10.29
CA ILE A 268 -23.88 -3.14 -10.62
C ILE A 268 -24.66 -4.14 -11.45
N LYS A 269 -25.64 -4.78 -10.82
CA LYS A 269 -26.49 -5.78 -11.44
C LYS A 269 -27.79 -5.15 -11.90
N ARG A 270 -28.53 -5.88 -12.73
CA ARG A 270 -29.83 -5.41 -13.20
C ARG A 270 -30.87 -5.76 -12.14
N LEU A 271 -31.14 -4.78 -11.28
CA LEU A 271 -32.09 -4.94 -10.19
C LEU A 271 -33.53 -4.92 -10.67
N LYS A 272 -34.41 -5.56 -9.91
CA LYS A 272 -35.85 -5.38 -10.06
C LYS A 272 -36.24 -3.92 -9.81
N LYS A 273 -37.43 -3.54 -10.26
CA LYS A 273 -37.88 -2.16 -10.08
C LYS A 273 -37.98 -1.79 -8.60
N SER A 274 -38.55 -2.68 -7.80
CA SER A 274 -38.67 -2.45 -6.37
C SER A 274 -37.29 -2.37 -5.71
N ALA A 275 -36.40 -3.27 -6.09
CA ALA A 275 -35.05 -3.28 -5.54
C ALA A 275 -34.31 -2.01 -5.92
N PHE A 276 -34.59 -1.47 -7.10
CA PHE A 276 -33.95 -0.23 -7.53
C PHE A 276 -34.49 0.97 -6.76
N VAL A 277 -35.79 0.99 -6.46
CA VAL A 277 -36.33 2.05 -5.61
C VAL A 277 -35.74 1.94 -4.20
N VAL A 278 -35.63 0.72 -3.68
CA VAL A 278 -35.01 0.52 -2.37
C VAL A 278 -33.56 1.00 -2.39
N LEU A 279 -32.84 0.70 -3.47
CA LEU A 279 -31.46 1.15 -3.59
C LEU A 279 -31.37 2.67 -3.55
N ILE A 280 -32.26 3.34 -4.28
CA ILE A 280 -32.29 4.81 -4.29
C ILE A 280 -32.55 5.34 -2.89
N LEU A 281 -33.48 4.72 -2.17
CA LEU A 281 -33.85 5.19 -0.85
C LEU A 281 -32.73 4.94 0.16
N LEU A 282 -32.00 3.84 0.02
CA LEU A 282 -30.86 3.58 0.90
C LEU A 282 -29.69 4.52 0.63
N ILE A 283 -29.44 4.82 -0.65
CA ILE A 283 -28.38 5.76 -0.97
C ILE A 283 -28.80 7.18 -0.60
N THR A 284 -30.09 7.50 -0.67
CA THR A 284 -30.57 8.79 -0.19
C THR A 284 -30.40 8.88 1.31
N ALA A 285 -30.70 7.81 2.03
CA ALA A 285 -30.43 7.77 3.47
C ALA A 285 -28.95 8.03 3.76
N LYS A 286 -28.05 7.37 3.04
CA LYS A 286 -26.63 7.54 3.33
C LYS A 286 -26.12 8.92 2.95
N LEU A 287 -26.47 9.41 1.76
CA LEU A 287 -25.79 10.57 1.18
C LEU A 287 -26.57 11.87 1.31
N LEU A 288 -27.84 11.83 1.76
CA LEU A 288 -28.62 13.04 1.95
C LEU A 288 -29.18 13.12 3.36
N VAL A 289 -29.92 12.09 3.81
CA VAL A 289 -30.56 12.16 5.13
C VAL A 289 -29.51 12.10 6.23
N LEU A 290 -28.57 11.17 6.14
CA LEU A 290 -27.56 11.07 7.19
C LEU A 290 -26.71 12.33 7.31
N PRO A 291 -26.14 12.90 6.24
CA PRO A 291 -25.34 14.12 6.42
C PRO A 291 -26.15 15.33 6.84
N LEU A 292 -27.40 15.46 6.39
CA LEU A 292 -28.27 16.50 6.90
C LEU A 292 -28.50 16.32 8.40
N LEU A 293 -28.77 15.09 8.83
CA LEU A 293 -28.93 14.80 10.25
C LEU A 293 -27.63 15.03 11.02
N CYS A 294 -26.48 14.75 10.41
CA CYS A 294 -25.21 15.00 11.07
C CYS A 294 -25.03 16.49 11.31
N ARG A 295 -25.26 17.30 10.28
CA ARG A 295 -25.13 18.74 10.41
C ARG A 295 -26.14 19.28 11.41
N GLU A 296 -27.37 18.75 11.39
CA GLU A 296 -28.41 19.16 12.31
C GLU A 296 -28.06 18.78 13.75
N MET A 297 -27.60 17.55 13.95
CA MET A 297 -27.25 17.10 15.29
C MET A 297 -26.08 17.88 15.85
N VAL A 298 -25.08 18.19 15.01
CA VAL A 298 -24.00 19.06 15.48
C VAL A 298 -24.55 20.42 15.85
N GLU A 299 -25.45 20.96 15.03
CA GLU A 299 -25.95 22.30 15.31
C GLU A 299 -26.90 22.30 16.51
N LEU A 300 -27.49 21.15 16.84
CA LEU A 300 -28.27 21.01 18.08
C LEU A 300 -27.36 20.84 19.29
N LEU A 301 -26.34 20.02 19.18
CA LEU A 301 -25.66 19.45 20.34
C LEU A 301 -24.29 20.07 20.64
N ASP A 302 -23.59 20.65 19.66
CA ASP A 302 -22.34 21.34 19.96
C ASP A 302 -22.61 22.73 20.53
N LYS A 303 -21.87 23.10 21.58
CA LYS A 303 -21.96 24.40 22.20
C LYS A 303 -20.64 25.19 22.17
N GLY A 304 -19.71 24.82 21.30
CA GLY A 304 -18.41 25.47 21.21
C GLY A 304 -18.46 26.98 21.02
N ASP A 305 -17.54 27.70 21.69
CA ASP A 305 -17.66 29.15 21.82
C ASP A 305 -17.59 29.87 20.46
N SER A 306 -16.68 29.44 19.59
CA SER A 306 -16.45 30.14 18.34
C SER A 306 -17.51 29.75 17.32
N VAL A 307 -18.18 30.75 16.74
CA VAL A 307 -19.14 30.47 15.67
C VAL A 307 -18.42 29.99 14.41
N VAL A 308 -17.19 30.44 14.17
CA VAL A 308 -16.44 29.93 13.02
C VAL A 308 -16.16 28.44 13.20
N ASN A 309 -15.71 28.05 14.39
CA ASN A 309 -15.38 26.66 14.63
C ASN A 309 -16.62 25.78 14.59
N HIS A 310 -17.74 26.28 15.12
CA HIS A 310 -19.02 25.57 15.04
C HIS A 310 -19.45 25.38 13.59
N THR A 311 -19.34 26.43 12.77
CA THR A 311 -19.67 26.33 11.35
C THR A 311 -18.83 25.26 10.67
N SER A 312 -17.51 25.28 10.91
CA SER A 312 -16.65 24.29 10.27
C SER A 312 -16.95 22.89 10.79
N LEU A 313 -17.35 22.78 12.06
CA LEU A 313 -17.66 21.49 12.66
C LEU A 313 -18.92 20.88 12.05
N SER A 314 -19.95 21.70 11.83
CA SER A 314 -21.16 21.18 11.21
C SER A 314 -20.98 20.96 9.70
N ASN A 315 -20.17 21.79 9.03
CA ASN A 315 -19.79 21.50 7.65
C ASN A 315 -19.02 20.17 7.55
N TYR A 316 -18.11 19.93 8.50
CA TYR A 316 -17.40 18.66 8.54
C TYR A 316 -18.36 17.51 8.75
N ALA A 317 -19.31 17.68 9.68
CA ALA A 317 -20.32 16.67 9.93
C ALA A 317 -21.08 16.32 8.66
N PHE A 318 -21.37 17.33 7.83
CA PHE A 318 -22.02 17.04 6.56
C PHE A 318 -21.13 16.18 5.67
N LEU A 319 -19.86 16.58 5.51
CA LEU A 319 -19.00 15.78 4.63
C LEU A 319 -18.79 14.38 5.17
N TYR A 320 -18.74 14.26 6.48
CA TYR A 320 -18.62 12.95 7.10
C TYR A 320 -19.84 12.09 6.75
N GLY A 321 -21.04 12.68 6.72
CA GLY A 321 -22.20 11.92 6.28
C GLY A 321 -22.10 11.48 4.83
N VAL A 322 -21.55 12.34 3.96
CA VAL A 322 -21.54 12.08 2.52
C VAL A 322 -20.54 11.00 2.08
N PHE A 323 -19.69 10.50 2.97
CA PHE A 323 -18.81 9.40 2.60
C PHE A 323 -19.63 8.20 2.15
N PRO A 324 -19.17 7.43 1.17
CA PRO A 324 -19.99 6.32 0.65
C PRO A 324 -20.09 5.18 1.64
N VAL A 325 -20.92 4.19 1.30
CA VAL A 325 -21.09 3.04 2.17
C VAL A 325 -19.80 2.25 2.24
N ALA A 326 -19.50 1.71 3.41
CA ALA A 326 -18.28 0.95 3.58
C ALA A 326 -18.35 -0.33 2.76
N PRO A 327 -17.27 -0.73 2.07
CA PRO A 327 -17.29 -2.02 1.39
C PRO A 327 -17.53 -3.18 2.34
N GLY A 328 -17.25 -2.99 3.63
CA GLY A 328 -17.54 -4.02 4.62
C GLY A 328 -18.97 -4.45 4.68
N VAL A 329 -19.92 -3.55 4.35
CA VAL A 329 -21.33 -3.95 4.33
C VAL A 329 -21.56 -4.97 3.22
N ALA A 330 -20.96 -4.75 2.05
CA ALA A 330 -21.08 -5.69 0.95
C ALA A 330 -20.32 -6.98 1.22
N ILE A 331 -19.20 -6.89 1.93
CA ILE A 331 -18.48 -8.09 2.32
C ILE A 331 -19.35 -8.95 3.24
N PHE A 332 -19.99 -8.32 4.24
CA PHE A 332 -20.98 -8.99 5.09
C PHE A 332 -22.13 -9.57 4.26
N ALA A 333 -22.71 -8.77 3.37
CA ALA A 333 -23.86 -9.23 2.60
C ALA A 333 -23.52 -10.40 1.70
N THR A 334 -22.38 -10.37 1.01
CA THR A 334 -21.98 -11.50 0.17
C THR A 334 -21.64 -12.72 1.01
N GLN A 335 -20.95 -12.51 2.14
CA GLN A 335 -20.55 -13.64 2.97
C GLN A 335 -21.75 -14.37 3.55
N PHE A 336 -22.74 -13.63 4.08
CA PHE A 336 -23.96 -14.28 4.55
C PHE A 336 -25.04 -14.38 3.45
N ASN A 337 -24.68 -14.09 2.20
CA ASN A 337 -25.56 -14.26 1.03
C ASN A 337 -26.93 -13.61 1.23
N MET A 338 -26.92 -12.41 1.81
CA MET A 338 -28.13 -11.66 2.11
C MET A 338 -28.22 -10.44 1.21
N GLU A 339 -29.30 -10.34 0.42
CA GLU A 339 -29.69 -9.09 -0.23
C GLU A 339 -28.54 -8.51 -1.04
N VAL A 340 -27.78 -9.43 -1.63
CA VAL A 340 -26.45 -9.12 -2.15
C VAL A 340 -26.52 -8.08 -3.25
N GLU A 341 -27.48 -8.22 -4.16
CA GLU A 341 -27.51 -7.37 -5.34
C GLU A 341 -27.79 -5.92 -4.95
N ILE A 342 -28.71 -5.68 -3.99
CA ILE A 342 -28.98 -4.32 -3.57
C ILE A 342 -27.79 -3.71 -2.84
N ILE A 343 -27.16 -4.49 -1.96
CA ILE A 343 -26.13 -3.94 -1.09
C ILE A 343 -24.80 -3.77 -1.84
N THR A 344 -24.44 -4.71 -2.71
CA THR A 344 -23.25 -4.53 -3.54
C THR A 344 -23.44 -3.42 -4.56
N SER A 345 -24.57 -3.43 -5.30
CA SER A 345 -24.85 -2.35 -6.24
C SER A 345 -24.85 -1.01 -5.54
N GLY A 346 -25.52 -0.94 -4.38
CA GLY A 346 -25.62 0.31 -3.67
C GLY A 346 -24.30 0.79 -3.11
N MET A 347 -23.41 -0.13 -2.72
CA MET A 347 -22.07 0.27 -2.29
C MET A 347 -21.29 0.89 -3.45
N VAL A 348 -21.36 0.27 -4.63
CA VAL A 348 -20.66 0.79 -5.81
C VAL A 348 -21.25 2.12 -6.25
N ILE A 349 -22.58 2.21 -6.32
CA ILE A 349 -23.25 3.43 -6.74
C ILE A 349 -23.04 4.53 -5.73
N SER A 350 -23.09 4.20 -4.44
CA SER A 350 -22.79 5.17 -3.39
C SER A 350 -21.37 5.71 -3.54
N THR A 351 -20.41 4.84 -3.84
CA THR A 351 -19.04 5.30 -4.06
C THR A 351 -18.96 6.29 -5.21
N PHE A 352 -19.52 5.93 -6.36
CA PHE A 352 -19.46 6.80 -7.54
C PHE A 352 -20.21 8.10 -7.33
N VAL A 353 -21.40 8.04 -6.71
CA VAL A 353 -22.24 9.21 -6.53
C VAL A 353 -21.73 10.09 -5.39
N SER A 354 -21.01 9.53 -4.42
CA SER A 354 -20.50 10.34 -3.32
C SER A 354 -19.44 11.33 -3.79
N ALA A 355 -18.70 11.00 -4.85
CA ALA A 355 -17.67 11.92 -5.35
C ALA A 355 -18.26 13.27 -5.77
N PRO A 356 -19.26 13.34 -6.67
CA PRO A 356 -19.85 14.65 -6.96
C PRO A 356 -20.57 15.23 -5.77
N ILE A 357 -21.25 14.42 -4.96
CA ILE A 357 -21.99 14.99 -3.84
C ILE A 357 -21.01 15.60 -2.85
N MET A 358 -19.87 14.94 -2.58
CA MET A 358 -18.84 15.53 -1.73
C MET A 358 -18.34 16.85 -2.29
N TYR A 359 -17.96 16.88 -3.57
CA TYR A 359 -17.42 18.11 -4.15
C TYR A 359 -18.46 19.24 -4.12
N VAL A 360 -19.65 18.96 -4.63
CA VAL A 360 -20.70 19.97 -4.74
C VAL A 360 -21.10 20.44 -3.35
N SER A 361 -21.30 19.52 -2.41
CA SER A 361 -21.68 19.89 -1.05
C SER A 361 -20.63 20.74 -0.37
N ALA A 362 -19.38 20.30 -0.41
CA ALA A 362 -18.33 21.03 0.31
C ALA A 362 -18.20 22.45 -0.22
N TRP A 363 -18.35 22.63 -1.53
CA TRP A 363 -18.32 23.97 -2.09
C TRP A 363 -19.55 24.79 -1.69
N LEU A 364 -20.75 24.20 -1.78
CA LEU A 364 -21.95 24.88 -1.32
C LEU A 364 -21.77 25.38 0.10
N LEU A 365 -21.27 24.51 0.96
CA LEU A 365 -21.13 24.80 2.38
C LEU A 365 -20.09 25.87 2.65
N THR A 366 -19.09 26.03 1.77
CA THR A 366 -18.15 27.14 1.95
C THR A 366 -18.63 28.46 1.34
N PHE A 367 -19.67 28.46 0.51
CA PHE A 367 -20.19 29.74 0.01
C PHE A 367 -20.67 30.71 1.11
N PRO A 368 -21.24 30.28 2.22
CA PRO A 368 -21.45 31.20 3.35
C PRO A 368 -20.17 31.77 3.96
N THR A 369 -19.03 31.12 3.80
CA THR A 369 -17.76 31.64 4.30
C THR A 369 -16.93 32.31 3.20
N MET A 370 -17.58 32.87 2.19
CA MET A 370 -16.92 33.51 1.06
C MET A 370 -17.58 34.85 0.74
N ASP A 371 -16.84 35.69 0.01
CA ASP A 371 -17.19 37.05 -0.39
C ASP A 371 -17.35 37.14 -1.91
N PRO A 372 -18.29 37.95 -2.41
CA PRO A 372 -18.77 37.76 -3.80
C PRO A 372 -17.70 37.69 -4.88
N LYS A 373 -16.54 38.36 -4.73
CA LYS A 373 -15.55 38.31 -5.80
C LYS A 373 -14.76 37.01 -5.78
N PRO A 374 -14.07 36.62 -4.70
CA PRO A 374 -13.53 35.25 -4.63
C PRO A 374 -14.59 34.19 -4.77
N LEU A 375 -15.86 34.51 -4.48
CA LEU A 375 -16.94 33.55 -4.70
C LEU A 375 -17.18 33.33 -6.19
N ALA A 376 -17.10 34.38 -7.00
CA ALA A 376 -17.20 34.20 -8.45
C ALA A 376 -16.01 33.41 -8.97
N TYR A 377 -14.80 33.76 -8.53
CA TYR A 377 -13.63 32.99 -8.95
C TYR A 377 -13.76 31.53 -8.52
N ALA A 378 -14.31 31.31 -7.34
CA ALA A 378 -14.56 29.97 -6.84
C ALA A 378 -15.49 29.20 -7.75
N ILE A 379 -16.59 29.81 -8.20
CA ILE A 379 -17.49 29.00 -9.03
C ILE A 379 -16.93 28.79 -10.42
N GLN A 380 -16.11 29.71 -10.95
CA GLN A 380 -15.45 29.41 -12.21
C GLN A 380 -14.38 28.33 -12.03
N ASN A 381 -13.72 28.31 -10.88
CA ASN A 381 -12.73 27.28 -10.56
C ASN A 381 -13.40 25.91 -10.38
N VAL A 382 -14.52 25.88 -9.66
CA VAL A 382 -15.37 24.71 -9.56
C VAL A 382 -15.79 24.23 -10.94
N SER A 383 -16.31 25.13 -11.76
CA SER A 383 -16.82 24.75 -13.06
C SER A 383 -15.69 24.26 -13.97
N PHE A 384 -14.50 24.82 -13.82
CA PHE A 384 -13.35 24.34 -14.57
C PHE A 384 -12.99 22.91 -14.16
N ASP A 385 -13.06 22.63 -12.86
CA ASP A 385 -12.79 21.27 -12.40
C ASP A 385 -13.86 20.28 -12.86
N ILE A 386 -15.13 20.67 -12.75
CA ILE A 386 -16.24 19.83 -13.18
C ILE A 386 -16.18 19.61 -14.69
N SER A 387 -15.82 20.65 -15.45
CA SER A 387 -15.71 20.49 -16.88
C SER A 387 -14.50 19.68 -17.29
N ILE A 388 -13.42 19.68 -16.50
CA ILE A 388 -12.29 18.80 -16.79
C ILE A 388 -12.66 17.34 -16.58
N VAL A 389 -13.24 17.01 -15.41
CA VAL A 389 -13.58 15.61 -15.18
C VAL A 389 -14.69 15.17 -16.13
N SER A 390 -15.63 16.07 -16.42
CA SER A 390 -16.68 15.76 -17.38
C SER A 390 -16.09 15.55 -18.77
N LEU A 391 -15.18 16.43 -19.21
CA LEU A 391 -14.61 16.31 -20.54
C LEU A 391 -13.81 15.02 -20.68
N ILE A 392 -13.02 14.68 -19.67
CA ILE A 392 -12.28 13.43 -19.71
C ILE A 392 -13.24 12.24 -19.79
N SER A 393 -14.29 12.26 -18.96
CA SER A 393 -15.28 11.19 -18.97
C SER A 393 -16.07 11.14 -20.29
N LEU A 394 -16.29 12.29 -20.91
CA LEU A 394 -17.04 12.39 -22.15
C LEU A 394 -16.20 11.98 -23.36
N ILE A 395 -14.92 12.34 -23.37
CA ILE A 395 -14.02 11.84 -24.39
C ILE A 395 -13.98 10.33 -24.35
N TRP A 396 -13.92 9.75 -23.15
CA TRP A 396 -13.95 8.30 -23.05
C TRP A 396 -15.28 7.71 -23.51
N SER A 397 -16.39 8.34 -23.12
CA SER A 397 -17.70 7.88 -23.56
C SER A 397 -17.83 7.96 -25.08
N LEU A 398 -17.32 9.04 -25.67
CA LEU A 398 -17.38 9.18 -27.11
C LEU A 398 -16.50 8.15 -27.80
N ALA A 399 -15.28 7.94 -27.29
CA ALA A 399 -14.41 6.91 -27.85
C ALA A 399 -15.10 5.56 -27.84
N ILE A 400 -15.76 5.22 -26.73
CA ILE A 400 -16.47 3.95 -26.68
C ILE A 400 -17.62 3.93 -27.69
N LEU A 401 -18.47 4.97 -27.69
CA LEU A 401 -19.61 5.01 -28.60
C LEU A 401 -19.17 4.93 -30.06
N LEU A 402 -18.04 5.53 -30.40
CA LEU A 402 -17.55 5.57 -31.77
C LEU A 402 -16.84 4.27 -32.15
N LEU A 403 -15.83 3.86 -31.37
CA LEU A 403 -15.06 2.68 -31.71
C LEU A 403 -15.87 1.40 -31.58
N SER A 404 -16.93 1.39 -30.77
CA SER A 404 -17.87 0.27 -30.76
C SER A 404 -18.81 0.29 -31.95
N LYS A 405 -18.76 1.34 -32.77
CA LYS A 405 -19.70 1.62 -33.86
C LYS A 405 -21.13 1.78 -33.38
N LYS A 406 -21.36 1.82 -32.06
CA LYS A 406 -22.71 2.07 -31.53
C LYS A 406 -23.26 3.40 -31.99
N TYR A 407 -22.40 4.34 -32.35
CA TYR A 407 -22.84 5.63 -32.89
C TYR A 407 -23.63 5.49 -34.18
N LYS A 408 -23.66 4.30 -34.80
CA LYS A 408 -24.47 4.03 -35.97
C LYS A 408 -25.86 3.49 -35.64
N GLN A 409 -26.13 3.10 -34.40
CA GLN A 409 -27.35 2.40 -34.02
C GLN A 409 -28.25 3.31 -33.17
N LEU A 410 -29.55 3.31 -33.45
CA LEU A 410 -30.49 3.97 -32.55
C LEU A 410 -30.69 3.13 -31.28
N PRO A 411 -30.83 3.77 -30.10
CA PRO A 411 -30.82 5.22 -29.85
C PRO A 411 -29.41 5.79 -29.73
N HIS A 412 -28.38 4.95 -29.73
CA HIS A 412 -27.02 5.40 -29.45
C HIS A 412 -26.51 6.43 -30.44
N MET A 413 -27.06 6.48 -31.67
CA MET A 413 -26.64 7.52 -32.62
C MET A 413 -27.04 8.91 -32.12
N LEU A 414 -28.26 9.03 -31.63
CA LEU A 414 -28.69 10.27 -31.02
C LEU A 414 -28.02 10.49 -29.66
N THR A 415 -27.76 9.42 -28.91
CA THR A 415 -27.00 9.56 -27.66
C THR A 415 -25.60 10.09 -27.94
N THR A 416 -25.01 9.71 -29.08
CA THR A 416 -23.70 10.22 -29.44
C THR A 416 -23.78 11.70 -29.76
N ASN A 417 -24.89 12.14 -30.35
CA ASN A 417 -25.08 13.59 -30.48
C ASN A 417 -25.15 14.28 -29.11
N LEU A 418 -25.82 13.67 -28.13
CA LEU A 418 -25.82 14.24 -26.79
C LEU A 418 -24.41 14.27 -26.19
N LEU A 419 -23.63 13.22 -26.40
CA LEU A 419 -22.27 13.17 -25.85
C LEU A 419 -21.33 14.13 -26.57
N ILE A 420 -21.56 14.38 -27.86
CA ILE A 420 -20.85 15.43 -28.58
C ILE A 420 -21.20 16.80 -28.03
N ALA A 421 -22.49 17.04 -27.77
CA ALA A 421 -22.92 18.33 -27.22
C ALA A 421 -22.37 18.54 -25.83
N GLN A 422 -22.39 17.51 -24.99
CA GLN A 422 -21.81 17.61 -23.67
C GLN A 422 -20.29 17.82 -23.75
N SER A 423 -19.63 17.21 -24.73
CA SER A 423 -18.21 17.46 -24.89
C SER A 423 -17.95 18.90 -25.30
N ILE A 424 -18.82 19.47 -26.14
CA ILE A 424 -18.66 20.85 -26.54
C ILE A 424 -18.93 21.79 -25.36
N VAL A 425 -19.84 21.45 -24.44
CA VAL A 425 -19.97 22.34 -23.28
C VAL A 425 -18.77 22.22 -22.35
N CYS A 426 -18.13 21.07 -22.25
CA CYS A 426 -16.98 21.00 -21.35
C CYS A 426 -15.73 21.61 -21.97
N ALA A 427 -15.56 21.45 -23.28
CA ALA A 427 -14.64 22.31 -24.01
C ALA A 427 -14.97 23.78 -23.79
N GLY A 428 -16.24 24.14 -23.93
CA GLY A 428 -16.62 25.55 -23.88
C GLY A 428 -16.41 26.17 -22.53
N MET A 429 -16.59 25.40 -21.46
CA MET A 429 -16.35 25.93 -20.12
C MET A 429 -14.86 26.11 -19.87
N MET A 430 -14.03 25.16 -20.31
CA MET A 430 -12.60 25.37 -20.17
C MET A 430 -12.12 26.56 -21.01
N ILE A 431 -12.68 26.72 -22.21
CA ILE A 431 -12.34 27.86 -23.06
C ILE A 431 -12.81 29.17 -22.42
N TRP A 432 -14.02 29.16 -21.86
CA TRP A 432 -14.55 30.37 -21.23
C TRP A 432 -13.71 30.78 -20.04
N ASN A 433 -13.21 29.82 -19.26
CA ASN A 433 -12.40 30.20 -18.11
C ASN A 433 -11.19 31.01 -18.53
N PHE A 434 -10.67 30.78 -19.73
CA PHE A 434 -9.58 31.59 -20.28
C PHE A 434 -10.10 32.90 -20.88
N VAL A 435 -11.23 32.84 -21.60
CA VAL A 435 -11.73 33.97 -22.38
C VAL A 435 -12.53 34.97 -21.57
N LYS A 436 -12.87 34.65 -20.32
CA LYS A 436 -13.79 35.47 -19.53
C LYS A 436 -13.29 36.90 -19.30
N GLU A 437 -11.98 37.12 -19.39
CA GLU A 437 -11.41 38.46 -19.25
C GLU A 437 -11.19 39.16 -20.59
N LYS A 438 -11.21 38.42 -21.70
CA LYS A 438 -10.66 38.88 -22.96
C LYS A 438 -11.67 39.71 -23.75
N ASN A 439 -11.29 40.06 -24.98
CA ASN A 439 -12.02 41.03 -25.79
C ASN A 439 -13.37 40.47 -26.26
N PHE A 440 -14.25 41.40 -26.68
CA PHE A 440 -15.68 41.12 -26.81
C PHE A 440 -15.98 40.05 -27.87
N VAL A 441 -15.31 40.10 -29.03
CA VAL A 441 -15.66 39.16 -30.10
C VAL A 441 -15.30 37.72 -29.70
N GLY A 442 -14.18 37.53 -29.02
CA GLY A 442 -13.85 36.19 -28.54
C GLY A 442 -14.87 35.67 -27.54
N GLN A 443 -15.33 36.56 -26.65
CA GLN A 443 -16.36 36.18 -25.70
C GLN A 443 -17.64 35.76 -26.42
N ILE A 444 -18.04 36.51 -27.47
CA ILE A 444 -19.23 36.14 -28.22
C ILE A 444 -19.04 34.77 -28.88
N LEU A 445 -17.89 34.56 -29.51
CA LEU A 445 -17.66 33.31 -30.24
C LEU A 445 -17.77 32.12 -29.30
N VAL A 446 -17.05 32.17 -28.18
CA VAL A 446 -17.10 31.07 -27.21
C VAL A 446 -18.48 30.93 -26.59
N PHE A 447 -19.19 32.05 -26.42
CA PHE A 447 -20.56 31.95 -25.92
C PHE A 447 -21.46 31.22 -26.91
N VAL A 448 -21.28 31.47 -28.20
CA VAL A 448 -22.11 30.77 -29.18
C VAL A 448 -21.83 29.28 -29.12
N LEU A 449 -20.56 28.91 -29.06
CA LEU A 449 -20.19 27.51 -28.85
C LEU A 449 -20.85 26.94 -27.60
N LEU A 450 -20.69 27.63 -26.47
CA LEU A 450 -21.09 27.09 -25.18
C LEU A 450 -22.60 26.99 -25.04
N TYR A 451 -23.35 28.03 -25.41
CA TYR A 451 -24.78 27.96 -25.21
C TYR A 451 -25.48 27.17 -26.31
N SER A 452 -24.97 27.17 -27.56
CA SER A 452 -25.56 26.28 -28.54
C SER A 452 -25.41 24.83 -28.10
N SER A 453 -24.22 24.46 -27.58
CA SER A 453 -24.04 23.09 -27.12
C SER A 453 -24.85 22.80 -25.87
N LEU A 454 -24.93 23.74 -24.94
CA LEU A 454 -25.67 23.53 -23.70
C LEU A 454 -27.16 23.35 -23.96
N TYR A 455 -27.77 24.33 -24.65
CA TYR A 455 -29.15 24.18 -25.06
C TYR A 455 -29.35 22.93 -25.89
N SER A 456 -28.32 22.52 -26.65
CA SER A 456 -28.42 21.29 -27.41
C SER A 456 -28.52 20.08 -26.48
N THR A 457 -27.78 20.07 -25.37
CA THR A 457 -27.89 18.95 -24.44
C THR A 457 -29.30 18.84 -23.87
N TYR A 458 -29.92 19.99 -23.60
CA TYR A 458 -31.31 19.94 -23.14
C TYR A 458 -32.23 19.36 -24.22
N LEU A 459 -32.16 19.94 -25.42
CA LEU A 459 -32.96 19.43 -26.54
C LEU A 459 -32.73 17.94 -26.74
N TRP A 460 -31.48 17.49 -26.61
CA TRP A 460 -31.14 16.08 -26.82
C TRP A 460 -31.67 15.18 -25.72
N THR A 461 -31.83 15.67 -24.50
CA THR A 461 -32.55 14.85 -23.51
C THR A 461 -33.99 14.65 -23.96
N GLY A 462 -34.63 15.73 -24.39
CA GLY A 462 -35.96 15.59 -24.98
C GLY A 462 -35.98 14.61 -26.14
N LEU A 463 -35.06 14.79 -27.08
CA LEU A 463 -35.07 14.03 -28.32
C LEU A 463 -34.62 12.60 -28.12
N LEU A 464 -33.87 12.31 -27.05
CA LEU A 464 -33.60 10.93 -26.69
C LEU A 464 -34.84 10.26 -26.14
N ALA A 465 -35.60 10.95 -25.31
CA ALA A 465 -36.84 10.34 -24.85
C ALA A 465 -37.83 10.18 -26.00
N ILE A 466 -37.82 11.10 -26.97
CA ILE A 466 -38.63 10.91 -28.18
C ILE A 466 -38.07 9.77 -29.03
N SER A 467 -36.75 9.60 -29.06
CA SER A 467 -36.16 8.47 -29.76
C SER A 467 -36.61 7.15 -29.15
N LEU A 468 -36.62 7.08 -27.83
CA LEU A 468 -37.09 5.88 -27.14
C LEU A 468 -38.59 5.67 -27.38
N PHE A 469 -39.36 6.75 -27.45
CA PHE A 469 -40.79 6.61 -27.77
C PHE A 469 -41.00 6.11 -29.19
N LEU A 470 -40.25 6.66 -30.16
CA LEU A 470 -40.34 6.21 -31.54
C LEU A 470 -39.75 4.82 -31.75
N LEU A 471 -38.87 4.37 -30.86
CA LEU A 471 -38.39 2.99 -30.88
C LEU A 471 -39.36 2.05 -30.19
N LYS A 472 -40.04 2.52 -29.15
CA LYS A 472 -41.04 1.71 -28.44
C LYS A 472 -42.23 1.41 -29.36
N LYS A 473 -42.84 2.45 -29.91
CA LYS A 473 -43.91 2.28 -30.87
C LYS A 473 -43.41 1.51 -32.09
N ARG A 474 -44.26 0.67 -32.66
CA ARG A 474 -43.84 -0.34 -33.65
C ARG A 474 -43.00 0.28 -34.76
N VAL A 481 -34.21 10.63 -38.56
CA VAL A 481 -32.95 10.93 -37.88
C VAL A 481 -32.36 12.26 -38.35
N GLY A 482 -32.53 12.61 -39.63
CA GLY A 482 -32.01 13.88 -40.12
C GLY A 482 -32.68 15.07 -39.46
N ILE A 483 -34.01 15.05 -39.40
CA ILE A 483 -34.75 16.10 -38.70
C ILE A 483 -34.38 16.08 -37.21
N ILE A 484 -34.12 14.90 -36.65
CA ILE A 484 -33.82 14.84 -35.22
C ILE A 484 -32.42 15.41 -34.94
N ILE A 485 -31.48 15.26 -35.87
CA ILE A 485 -30.14 15.82 -35.68
C ILE A 485 -30.12 17.34 -35.95
N ILE A 486 -30.87 17.79 -36.95
CA ILE A 486 -31.03 19.23 -37.16
C ILE A 486 -31.79 19.87 -35.99
N SER A 487 -32.78 19.18 -35.43
CA SER A 487 -33.51 19.80 -34.33
C SER A 487 -32.74 19.71 -33.02
N GLY A 488 -31.90 18.69 -32.85
CA GLY A 488 -31.05 18.61 -31.69
C GLY A 488 -29.96 19.66 -31.66
N TRP A 489 -29.53 20.16 -32.81
CA TRP A 489 -28.48 21.17 -32.80
C TRP A 489 -28.93 22.53 -33.34
N GLY A 490 -29.54 22.57 -34.51
CA GLY A 490 -29.85 23.84 -35.15
C GLY A 490 -30.80 24.69 -34.35
N ILE A 491 -31.87 24.09 -33.83
CA ILE A 491 -32.84 24.85 -33.05
C ILE A 491 -32.15 25.44 -31.82
N PRO A 492 -31.45 24.66 -30.98
CA PRO A 492 -30.75 25.28 -29.84
C PRO A 492 -29.61 26.19 -30.22
N ALA A 493 -29.00 26.03 -31.39
CA ALA A 493 -28.04 27.01 -31.87
C ALA A 493 -28.73 28.32 -32.26
N LEU A 494 -29.86 28.22 -32.96
CA LEU A 494 -30.61 29.41 -33.36
C LEU A 494 -31.13 30.19 -32.15
N LEU A 495 -31.45 29.47 -31.06
CA LEU A 495 -31.89 30.13 -29.84
C LEU A 495 -30.82 31.09 -29.31
N VAL A 496 -29.53 30.81 -29.56
CA VAL A 496 -28.49 31.73 -29.13
C VAL A 496 -28.57 33.03 -29.92
N GLY A 497 -28.96 32.97 -31.19
CA GLY A 497 -29.17 34.18 -31.95
C GLY A 497 -30.36 34.97 -31.42
N VAL A 498 -31.46 34.28 -31.15
CA VAL A 498 -32.60 34.92 -30.49
C VAL A 498 -32.14 35.66 -29.23
N LEU A 499 -31.25 35.01 -28.47
CA LEU A 499 -30.76 35.55 -27.21
C LEU A 499 -29.79 36.72 -27.41
N LEU A 500 -28.88 36.62 -28.37
CA LEU A 500 -28.00 37.74 -28.71
C LEU A 500 -28.81 38.93 -29.21
N ILE A 501 -29.87 38.64 -29.96
CA ILE A 501 -30.87 39.62 -30.38
C ILE A 501 -31.71 40.04 -29.18
N SER A 512 -20.56 33.36 -16.65
CA SER A 512 -21.12 33.53 -17.99
C SER A 512 -22.64 33.70 -17.96
N ALA A 513 -23.26 33.22 -16.89
CA ALA A 513 -24.68 32.90 -16.87
C ALA A 513 -25.59 34.13 -16.95
N PHE A 514 -25.05 35.33 -16.79
CA PHE A 514 -25.87 36.54 -16.81
C PHE A 514 -25.35 37.60 -17.78
N PHE A 515 -24.39 37.21 -18.65
CA PHE A 515 -23.93 38.04 -19.77
C PHE A 515 -25.09 38.64 -20.54
N TYR A 516 -26.13 37.84 -20.77
CA TYR A 516 -27.41 38.28 -21.31
C TYR A 516 -28.55 38.06 -20.31
N GLY A 517 -28.20 37.96 -19.02
CA GLY A 517 -29.11 38.23 -17.91
C GLY A 517 -30.47 37.56 -17.97
N LYS A 518 -31.51 38.37 -17.72
CA LYS A 518 -32.88 37.87 -17.66
C LYS A 518 -33.26 37.12 -18.93
N GLU A 519 -32.88 37.63 -20.11
CA GLU A 519 -33.15 36.91 -21.36
C GLU A 519 -32.41 35.58 -21.39
N GLN A 520 -31.17 35.57 -20.90
CA GLN A 520 -30.38 34.34 -20.90
C GLN A 520 -31.05 33.28 -20.07
N MET A 521 -31.43 33.62 -18.82
CA MET A 521 -32.13 32.67 -17.98
C MET A 521 -33.53 32.36 -18.52
N ILE A 522 -34.16 33.28 -19.26
CA ILE A 522 -35.48 32.99 -19.83
C ILE A 522 -35.36 31.95 -20.94
N THR A 523 -34.47 32.18 -21.91
CA THR A 523 -34.25 31.21 -22.97
C THR A 523 -33.82 29.87 -22.40
N THR A 524 -32.93 29.92 -21.39
CA THR A 524 -32.47 28.70 -20.73
C THR A 524 -33.62 27.96 -20.07
N ALA A 525 -34.44 28.68 -19.30
CA ALA A 525 -35.60 28.09 -18.66
C ALA A 525 -36.55 27.49 -19.68
N VAL A 526 -36.84 28.24 -20.75
CA VAL A 526 -37.77 27.76 -21.77
C VAL A 526 -37.22 26.50 -22.43
N THR A 527 -35.93 26.47 -22.72
CA THR A 527 -35.30 25.31 -23.35
C THR A 527 -35.34 24.10 -22.43
N LEU A 528 -35.07 24.32 -21.14
CA LEU A 528 -35.17 23.26 -20.14
C LEU A 528 -36.61 22.77 -20.00
N PHE A 529 -37.57 23.68 -19.99
CA PHE A 529 -38.99 23.36 -19.88
C PHE A 529 -39.46 22.54 -21.07
N CYS A 530 -39.12 23.00 -22.28
CA CYS A 530 -39.44 22.22 -23.47
C CYS A 530 -38.78 20.85 -23.41
N SER A 531 -37.54 20.78 -22.94
CA SER A 531 -36.88 19.48 -22.82
C SER A 531 -37.60 18.56 -21.84
N ILE A 532 -38.00 19.11 -20.69
CA ILE A 532 -38.69 18.32 -19.68
C ILE A 532 -40.04 17.86 -20.21
N LEU A 533 -40.78 18.73 -20.89
CA LEU A 533 -42.08 18.33 -21.42
C LEU A 533 -41.92 17.32 -22.54
N ILE A 534 -41.00 17.57 -23.46
CA ILE A 534 -40.70 16.63 -24.54
C ILE A 534 -40.36 15.27 -23.95
N ALA A 535 -39.46 15.23 -22.97
CA ALA A 535 -39.00 13.97 -22.41
C ALA A 535 -40.06 13.31 -21.54
N GLY A 536 -40.72 14.07 -20.67
CA GLY A 536 -41.75 13.49 -19.83
C GLY A 536 -42.89 12.93 -20.63
N ILE A 537 -43.39 13.71 -21.61
CA ILE A 537 -44.47 13.22 -22.45
C ILE A 537 -44.03 12.00 -23.23
N SER A 538 -42.80 12.00 -23.77
CA SER A 538 -42.39 10.85 -24.57
C SER A 538 -42.10 9.61 -23.71
N LEU A 539 -41.51 9.78 -22.52
CA LEU A 539 -41.33 8.63 -21.63
C LEU A 539 -42.67 8.07 -21.17
N MET A 540 -43.65 8.93 -20.86
CA MET A 540 -44.94 8.39 -20.43
C MET A 540 -45.70 7.76 -21.61
N CYS A 541 -45.59 8.34 -22.80
CA CYS A 541 -46.24 7.74 -23.97
C CYS A 541 -45.56 6.42 -24.37
N MET A 542 -44.28 6.25 -24.04
CA MET A 542 -43.67 4.93 -24.10
C MET A 542 -44.23 4.02 -23.01
N ASN A 543 -44.47 4.56 -21.83
CA ASN A 543 -45.10 3.83 -20.74
C ASN A 543 -46.61 3.78 -20.95
N GLN A 654 -30.61 -2.16 -22.81
CA GLN A 654 -30.07 -1.05 -23.59
C GLN A 654 -31.03 0.14 -23.54
N LEU A 655 -32.29 -0.12 -23.90
CA LEU A 655 -33.32 0.90 -23.77
C LEU A 655 -33.52 1.29 -22.32
N THR A 656 -33.36 0.34 -21.39
CA THR A 656 -33.44 0.66 -19.97
C THR A 656 -32.33 1.63 -19.54
N ARG A 657 -31.11 1.43 -20.05
CA ARG A 657 -30.04 2.36 -19.71
C ARG A 657 -30.31 3.73 -20.30
N HIS A 658 -30.86 3.79 -21.51
CA HIS A 658 -31.23 5.08 -22.06
C HIS A 658 -32.33 5.75 -21.25
N VAL A 659 -33.32 4.98 -20.81
CA VAL A 659 -34.37 5.54 -19.96
C VAL A 659 -33.77 6.09 -18.67
N LEU A 660 -32.84 5.35 -18.06
CA LEU A 660 -32.25 5.81 -16.81
C LEU A 660 -31.41 7.05 -17.02
N LEU A 661 -30.64 7.11 -18.11
CA LEU A 661 -29.93 8.34 -18.43
C LEU A 661 -30.90 9.49 -18.61
N CYS A 662 -31.98 9.26 -19.36
CA CYS A 662 -32.97 10.31 -19.57
C CYS A 662 -33.63 10.73 -18.26
N LEU A 663 -33.91 9.77 -17.38
CA LEU A 663 -34.52 10.10 -16.09
C LEU A 663 -33.59 10.96 -15.24
N LEU A 664 -32.34 10.53 -15.10
CA LEU A 664 -31.38 11.33 -14.33
C LEU A 664 -31.23 12.72 -14.92
N LEU A 665 -31.13 12.79 -16.24
CA LEU A 665 -31.01 14.09 -16.89
C LEU A 665 -32.29 14.91 -16.72
N ILE A 666 -33.47 14.28 -16.72
CA ILE A 666 -34.72 15.02 -16.53
C ILE A 666 -34.81 15.59 -15.12
N ILE A 667 -34.37 14.82 -14.11
CA ILE A 667 -34.30 15.35 -12.75
C ILE A 667 -33.30 16.49 -12.67
N GLY A 668 -32.18 16.37 -13.37
CA GLY A 668 -31.23 17.46 -13.42
C GLY A 668 -31.76 18.67 -14.16
N LEU A 669 -32.47 18.46 -15.25
CA LEU A 669 -33.08 19.55 -15.99
C LEU A 669 -34.17 20.21 -15.16
N PHE A 670 -34.84 19.45 -14.30
CA PHE A 670 -35.83 20.04 -13.41
C PHE A 670 -35.16 20.88 -12.32
N ALA A 671 -34.07 20.37 -11.73
CA ALA A 671 -33.28 21.18 -10.81
C ALA A 671 -32.79 22.45 -11.49
N ASN A 672 -32.34 22.33 -12.73
CA ASN A 672 -31.82 23.44 -13.51
C ASN A 672 -32.92 24.44 -13.88
N LEU A 673 -34.08 23.94 -14.32
CA LEU A 673 -35.22 24.78 -14.65
C LEU A 673 -35.69 25.54 -13.43
N SER A 674 -35.87 24.85 -12.31
CA SER A 674 -36.34 25.51 -11.10
C SER A 674 -35.31 26.51 -10.58
N SER A 675 -34.02 26.19 -10.71
CA SER A 675 -32.99 27.12 -10.25
C SER A 675 -32.97 28.37 -11.11
N CYS A 676 -33.06 28.22 -12.42
CA CYS A 676 -33.13 29.36 -13.31
C CYS A 676 -34.39 30.19 -13.06
N LEU A 677 -35.53 29.53 -12.84
CA LEU A 677 -36.78 30.24 -12.53
C LEU A 677 -36.67 30.99 -11.21
N TRP A 678 -36.11 30.34 -10.20
CA TRP A 678 -35.99 30.97 -8.89
C TRP A 678 -35.03 32.15 -8.94
N TRP A 679 -33.97 32.06 -9.77
CA TRP A 679 -33.16 33.23 -10.05
C TRP A 679 -34.01 34.32 -10.71
N LEU A 680 -34.79 33.96 -11.73
CA LEU A 680 -35.64 34.92 -12.40
C LEU A 680 -36.65 35.57 -11.47
N PHE A 681 -36.97 34.92 -10.34
CA PHE A 681 -37.84 35.48 -9.31
C PHE A 681 -37.08 36.21 -8.21
N ASN A 682 -35.75 36.06 -8.15
CA ASN A 682 -34.90 36.81 -7.23
C ASN A 682 -33.90 37.68 -7.99
N LEU A 688 -28.40 34.64 -3.09
CA LEU A 688 -28.46 33.24 -3.48
C LEU A 688 -28.07 33.03 -4.94
N TYR A 689 -27.94 34.13 -5.68
CA TYR A 689 -27.75 34.07 -7.13
C TYR A 689 -26.62 33.12 -7.52
N VAL A 690 -25.47 33.27 -6.86
CA VAL A 690 -24.27 32.54 -7.26
C VAL A 690 -24.35 31.08 -6.85
N GLU A 691 -25.10 30.77 -5.80
CA GLU A 691 -25.35 29.39 -5.40
C GLU A 691 -26.29 28.69 -6.38
N LEU A 692 -27.35 29.38 -6.81
CA LEU A 692 -28.25 28.86 -7.85
C LEU A 692 -27.55 28.71 -9.19
N GLN A 693 -26.69 29.66 -9.51
CA GLN A 693 -25.89 29.59 -10.73
C GLN A 693 -24.90 28.43 -10.64
N PHE A 694 -24.34 28.19 -9.47
CA PHE A 694 -23.44 27.05 -9.29
C PHE A 694 -24.17 25.73 -9.42
N PHE A 695 -25.40 25.64 -8.91
CA PHE A 695 -26.11 24.37 -9.12
C PHE A 695 -26.54 24.19 -10.58
N CYS A 696 -26.88 25.28 -11.26
CA CYS A 696 -27.06 25.21 -12.70
C CYS A 696 -25.77 24.78 -13.39
N ALA A 697 -24.63 25.36 -13.02
CA ALA A 697 -23.36 25.03 -13.65
C ALA A 697 -22.97 23.59 -13.38
N VAL A 698 -23.30 23.08 -12.19
CA VAL A 698 -23.05 21.68 -11.87
C VAL A 698 -23.79 20.78 -12.85
N PHE A 699 -25.08 21.05 -13.11
CA PHE A 699 -25.69 20.24 -14.15
C PHE A 699 -25.11 20.55 -15.53
N ASN A 700 -25.05 21.82 -15.91
CA ASN A 700 -24.63 22.25 -17.23
C ASN A 700 -23.32 21.63 -17.67
N PHE A 701 -22.33 21.56 -16.78
CA PHE A 701 -21.03 21.04 -17.16
C PHE A 701 -20.74 19.66 -16.60
N GLY A 702 -21.39 19.23 -15.52
CA GLY A 702 -21.19 17.89 -15.00
C GLY A 702 -22.12 16.84 -15.54
N GLN A 703 -23.10 17.20 -16.37
CA GLN A 703 -23.99 16.20 -16.98
C GLN A 703 -23.24 15.13 -17.74
N GLY A 704 -22.04 15.44 -18.23
CA GLY A 704 -21.24 14.44 -18.89
C GLY A 704 -20.81 13.33 -17.97
N PHE A 705 -20.66 13.62 -16.68
CA PHE A 705 -20.36 12.59 -15.69
C PHE A 705 -21.50 11.60 -15.58
N ILE A 706 -22.75 12.07 -15.67
CA ILE A 706 -23.90 11.17 -15.67
C ILE A 706 -23.89 10.30 -16.92
N SER A 707 -23.65 10.93 -18.07
CA SER A 707 -23.59 10.18 -19.33
C SER A 707 -22.46 9.15 -19.32
N PHE A 708 -21.34 9.48 -18.68
CA PHE A 708 -20.26 8.54 -18.49
C PHE A 708 -20.65 7.41 -17.56
N GLY A 709 -21.34 7.74 -16.46
CA GLY A 709 -21.77 6.71 -15.54
C GLY A 709 -22.61 5.64 -16.22
N ILE A 710 -23.49 6.05 -17.11
CA ILE A 710 -24.40 5.06 -17.69
C ILE A 710 -23.87 4.48 -19.01
N PHE A 711 -23.25 5.28 -19.89
CA PHE A 711 -22.79 4.75 -21.15
C PHE A 711 -21.28 4.73 -21.33
N GLY A 712 -20.51 5.27 -20.38
CA GLY A 712 -19.06 5.21 -20.47
C GLY A 712 -18.46 3.94 -19.90
N LEU A 713 -19.24 3.16 -19.15
CA LEU A 713 -18.71 2.00 -18.46
C LEU A 713 -19.38 0.70 -18.87
N ASP A 714 -20.10 0.68 -20.00
CA ASP A 714 -20.80 -0.51 -20.47
C ASP A 714 -19.83 -1.47 -21.16
N LYS A 715 -20.29 -2.71 -21.35
CA LYS A 715 -19.45 -3.79 -21.88
C LYS A 715 -19.36 -3.73 -23.40
N HIS A 716 -18.95 -2.58 -23.92
CA HIS A 716 -18.79 -2.36 -25.35
C HIS A 716 -17.40 -2.76 -25.83
N MET B 37 26.47 9.89 10.48
CA MET B 37 25.48 9.03 9.86
C MET B 37 24.40 8.63 10.87
N SER B 38 23.18 8.41 10.39
CA SER B 38 22.09 8.05 11.31
C SER B 38 21.97 6.54 11.43
N ILE B 39 23.09 5.91 11.77
CA ILE B 39 23.18 4.45 11.81
C ILE B 39 22.26 3.86 12.88
N THR B 40 21.92 4.66 13.89
CA THR B 40 20.96 4.20 14.90
C THR B 40 19.56 4.03 14.32
N ARG B 41 19.23 4.72 13.22
CA ARG B 41 17.96 4.53 12.54
C ARG B 41 17.88 3.21 11.79
N LEU B 42 19.01 2.53 11.59
CA LEU B 42 19.00 1.33 10.74
C LEU B 42 18.25 0.18 11.39
N PHE B 43 18.41 -0.03 12.70
CA PHE B 43 17.70 -1.16 13.28
C PHE B 43 16.18 -0.92 13.29
N PRO B 44 15.68 0.27 13.64
CA PRO B 44 14.26 0.54 13.40
C PRO B 44 13.83 0.33 11.97
N ALA B 45 14.65 0.72 11.01
CA ALA B 45 14.30 0.62 9.61
C ALA B 45 14.29 -0.83 9.15
N LEU B 46 15.29 -1.61 9.57
CA LEU B 46 15.30 -3.02 9.25
C LEU B 46 14.14 -3.74 9.92
N LEU B 47 13.90 -3.45 11.20
CA LEU B 47 12.78 -4.07 11.90
C LEU B 47 11.45 -3.75 11.22
N GLU B 48 11.25 -2.49 10.81
CA GLU B 48 10.09 -2.16 9.99
C GLU B 48 10.02 -3.03 8.75
N CYS B 49 11.06 -2.97 7.92
CA CYS B 49 10.95 -3.53 6.58
C CYS B 49 10.91 -5.05 6.61
N PHE B 50 11.81 -5.66 7.36
CA PHE B 50 11.78 -7.10 7.52
C PHE B 50 10.65 -7.57 8.42
N GLY B 51 10.07 -6.69 9.25
CA GLY B 51 8.86 -7.06 9.96
C GLY B 51 7.65 -7.08 9.06
N ILE B 52 7.64 -6.20 8.06
CA ILE B 52 6.58 -6.28 7.06
C ILE B 52 6.78 -7.51 6.17
N VAL B 53 8.03 -7.86 5.87
CA VAL B 53 8.31 -9.12 5.18
C VAL B 53 7.86 -10.31 6.03
N LEU B 54 8.07 -10.22 7.34
CA LEU B 54 7.61 -11.27 8.25
C LEU B 54 6.09 -11.32 8.31
N CYS B 55 5.43 -10.17 8.20
CA CYS B 55 3.97 -10.18 8.14
C CYS B 55 3.49 -10.87 6.88
N GLY B 56 4.12 -10.57 5.74
CA GLY B 56 3.77 -11.29 4.52
C GLY B 56 4.02 -12.78 4.64
N TYR B 57 5.11 -13.15 5.29
CA TYR B 57 5.44 -14.57 5.45
C TYR B 57 4.43 -15.26 6.36
N ILE B 58 4.13 -14.65 7.51
CA ILE B 58 3.10 -15.16 8.40
C ILE B 58 1.76 -15.28 7.67
N ALA B 59 1.38 -14.23 6.94
CA ALA B 59 0.10 -14.21 6.25
C ALA B 59 0.00 -15.29 5.17
N GLY B 60 1.05 -15.49 4.40
CA GLY B 60 1.01 -16.47 3.34
C GLY B 60 1.13 -17.87 3.86
N ARG B 61 1.89 -18.05 4.94
CA ARG B 61 2.10 -19.38 5.50
C ARG B 61 0.89 -19.82 6.31
N ALA B 62 0.21 -18.89 6.96
CA ALA B 62 -1.07 -19.13 7.63
C ALA B 62 -2.26 -19.19 6.67
N ASN B 63 -2.02 -19.06 5.37
CA ASN B 63 -3.04 -19.04 4.32
C ASN B 63 -4.07 -17.92 4.52
N VAL B 64 -3.72 -16.87 5.25
CA VAL B 64 -4.51 -15.64 5.22
C VAL B 64 -4.59 -15.12 3.79
N ILE B 65 -3.51 -15.28 3.04
CA ILE B 65 -3.45 -14.95 1.61
C ILE B 65 -2.84 -16.15 0.89
N THR B 66 -3.61 -16.78 0.02
CA THR B 66 -3.09 -17.91 -0.74
C THR B 66 -2.21 -17.42 -1.90
N SER B 67 -1.53 -18.36 -2.55
CA SER B 67 -0.59 -17.98 -3.61
C SER B 67 -1.29 -17.33 -4.80
N THR B 68 -2.53 -17.75 -5.09
CA THR B 68 -3.30 -17.10 -6.15
C THR B 68 -3.71 -15.70 -5.72
N GLN B 69 -4.17 -15.56 -4.48
CA GLN B 69 -4.55 -14.26 -3.96
C GLN B 69 -3.36 -13.31 -3.93
N ALA B 70 -2.15 -13.84 -3.63
CA ALA B 70 -0.96 -13.00 -3.55
C ALA B 70 -0.63 -12.29 -4.86
N LYS B 71 -1.02 -12.89 -5.99
CA LYS B 71 -0.77 -12.26 -7.28
C LYS B 71 -1.47 -10.92 -7.40
N GLY B 72 -2.61 -10.73 -6.73
CA GLY B 72 -3.27 -9.44 -6.77
C GLY B 72 -2.44 -8.35 -6.14
N LEU B 73 -1.81 -8.65 -5.00
CA LEU B 73 -0.89 -7.72 -4.39
C LEU B 73 0.34 -7.52 -5.26
N GLY B 74 0.82 -8.59 -5.90
CA GLY B 74 1.97 -8.46 -6.78
C GLY B 74 1.71 -7.60 -8.00
N ASN B 75 0.54 -7.80 -8.62
CA ASN B 75 0.15 -7.00 -9.77
C ASN B 75 -0.11 -5.55 -9.38
N PHE B 76 -0.75 -5.31 -8.22
CA PHE B 76 -0.84 -3.95 -7.70
C PHE B 76 0.54 -3.33 -7.52
N VAL B 77 1.41 -4.03 -6.79
CA VAL B 77 2.74 -3.52 -6.45
C VAL B 77 3.54 -3.21 -7.71
N SER B 78 3.65 -4.17 -8.61
CA SER B 78 4.55 -4.05 -9.74
C SER B 78 3.96 -3.23 -10.89
N ARG B 79 2.63 -3.14 -11.01
CA ARG B 79 2.04 -2.49 -12.16
C ARG B 79 1.35 -1.18 -11.83
N PHE B 80 1.21 -0.81 -10.56
CA PHE B 80 0.62 0.47 -10.22
C PHE B 80 1.46 1.21 -9.18
N ALA B 81 1.75 0.58 -8.05
CA ALA B 81 2.42 1.28 -6.95
C ALA B 81 3.88 1.59 -7.27
N LEU B 82 4.60 0.62 -7.84
CA LEU B 82 5.99 0.89 -8.23
C LEU B 82 6.11 1.84 -9.40
N PRO B 83 5.40 1.65 -10.52
CA PRO B 83 5.56 2.62 -11.62
C PRO B 83 5.17 4.03 -11.22
N ALA B 84 4.20 4.20 -10.31
CA ALA B 84 3.88 5.53 -9.81
C ALA B 84 5.03 6.10 -9.00
N LEU B 85 5.65 5.28 -8.15
CA LEU B 85 6.77 5.74 -7.35
C LEU B 85 7.94 6.13 -8.24
N LEU B 86 8.26 5.27 -9.20
CA LEU B 86 9.28 5.56 -10.20
C LEU B 86 8.98 6.87 -10.91
N PHE B 87 7.76 7.00 -11.47
CA PHE B 87 7.43 8.18 -12.25
C PHE B 87 7.56 9.45 -11.41
N LYS B 88 7.00 9.44 -10.20
CA LYS B 88 7.08 10.61 -9.33
C LYS B 88 8.53 11.00 -9.07
N ASN B 89 9.34 10.04 -8.61
CA ASN B 89 10.70 10.37 -8.24
C ASN B 89 11.53 10.78 -9.46
N MET B 90 11.30 10.12 -10.60
CA MET B 90 12.02 10.45 -11.82
C MET B 90 11.63 11.82 -12.37
N VAL B 91 10.36 12.20 -12.27
CA VAL B 91 9.95 13.53 -12.73
C VAL B 91 10.52 14.61 -11.81
N VAL B 92 10.60 14.33 -10.52
CA VAL B 92 11.08 15.31 -9.55
C VAL B 92 12.61 15.44 -9.56
N LEU B 93 13.30 14.50 -10.17
CA LEU B 93 14.74 14.32 -10.04
C LEU B 93 15.53 15.49 -10.63
N ASN B 94 16.34 16.15 -9.81
CA ASN B 94 17.22 17.23 -10.26
C ASN B 94 18.50 16.61 -10.80
N PHE B 95 18.52 16.33 -12.11
CA PHE B 95 19.64 15.60 -12.70
C PHE B 95 20.97 16.35 -12.54
N SER B 96 20.93 17.68 -12.45
CA SER B 96 22.18 18.43 -12.29
C SER B 96 22.84 18.18 -10.94
N ASN B 97 22.09 17.69 -9.96
CA ASN B 97 22.64 17.32 -8.67
C ASN B 97 23.04 15.85 -8.58
N VAL B 98 22.83 15.05 -9.62
CA VAL B 98 23.18 13.64 -9.58
C VAL B 98 24.68 13.47 -9.70
N ASP B 99 25.28 12.73 -8.77
CA ASP B 99 26.71 12.44 -8.84
C ASP B 99 26.89 11.29 -9.81
N TRP B 100 27.26 11.62 -11.04
CA TRP B 100 27.40 10.60 -12.07
C TRP B 100 28.58 9.68 -11.78
N SER B 101 29.56 10.14 -11.01
CA SER B 101 30.67 9.24 -10.66
C SER B 101 30.18 8.13 -9.72
N PHE B 102 29.28 8.45 -8.79
CA PHE B 102 28.66 7.40 -7.99
C PHE B 102 27.88 6.43 -8.87
N LEU B 103 27.00 6.94 -9.74
CA LEU B 103 26.24 6.06 -10.61
C LEU B 103 27.16 5.16 -11.40
N TYR B 104 28.06 5.79 -12.16
CA TYR B 104 29.07 5.09 -12.94
C TYR B 104 29.71 3.99 -12.13
N SER B 105 30.16 4.30 -10.91
CA SER B 105 30.96 3.33 -10.17
C SER B 105 30.11 2.17 -9.66
N ILE B 106 28.88 2.42 -9.21
CA ILE B 106 27.99 1.30 -8.86
C ILE B 106 27.70 0.46 -10.08
N LEU B 107 27.47 1.13 -11.21
CA LEU B 107 27.09 0.46 -12.44
C LEU B 107 28.25 -0.37 -13.00
N ILE B 108 29.48 0.11 -12.82
CA ILE B 108 30.68 -0.62 -13.23
C ILE B 108 30.95 -1.78 -12.28
N ALA B 109 30.68 -1.59 -10.98
CA ALA B 109 30.75 -2.72 -10.05
C ALA B 109 29.75 -3.82 -10.44
N LYS B 110 28.53 -3.43 -10.79
CA LYS B 110 27.53 -4.40 -11.23
C LYS B 110 27.92 -5.05 -12.55
N ALA B 111 28.47 -4.26 -13.48
CA ALA B 111 28.86 -4.80 -14.78
C ALA B 111 30.03 -5.78 -14.63
N SER B 112 30.93 -5.50 -13.69
CA SER B 112 32.04 -6.43 -13.47
C SER B 112 31.57 -7.71 -12.79
N VAL B 113 30.65 -7.62 -11.82
CA VAL B 113 30.09 -8.85 -11.27
C VAL B 113 29.32 -9.62 -12.33
N PHE B 114 28.66 -8.90 -13.25
CA PHE B 114 27.96 -9.56 -14.34
C PHE B 114 28.93 -10.34 -15.20
N PHE B 115 30.00 -9.69 -15.67
CA PHE B 115 31.01 -10.37 -16.46
C PHE B 115 31.61 -11.55 -15.71
N ILE B 116 31.95 -11.36 -14.44
CA ILE B 116 32.55 -12.42 -13.63
C ILE B 116 31.62 -13.62 -13.56
N VAL B 117 30.38 -13.43 -13.10
CA VAL B 117 29.49 -14.57 -12.92
C VAL B 117 29.12 -15.16 -14.28
N CYS B 118 29.07 -14.34 -15.33
CA CYS B 118 28.74 -14.79 -16.66
C CYS B 118 29.84 -15.68 -17.24
N VAL B 119 31.08 -15.19 -17.22
CA VAL B 119 32.21 -15.96 -17.74
C VAL B 119 32.51 -17.17 -16.85
N LEU B 120 32.38 -17.02 -15.53
CA LEU B 120 32.54 -18.16 -14.65
C LEU B 120 31.47 -19.21 -14.92
N THR B 121 30.22 -18.80 -15.14
CA THR B 121 29.17 -19.75 -15.47
C THR B 121 29.42 -20.38 -16.82
N LEU B 122 29.86 -19.61 -17.81
CA LEU B 122 30.09 -20.19 -19.13
C LEU B 122 31.25 -21.17 -19.12
N LEU B 123 32.29 -20.88 -18.34
CA LEU B 123 33.40 -21.82 -18.19
C LEU B 123 32.97 -23.07 -17.44
N VAL B 124 32.18 -22.91 -16.37
CA VAL B 124 32.00 -23.99 -15.41
C VAL B 124 30.72 -24.80 -15.65
N ALA B 125 29.66 -24.21 -16.17
CA ALA B 125 28.39 -24.91 -16.36
C ALA B 125 28.43 -25.83 -17.59
N SER B 126 27.55 -26.83 -17.60
CA SER B 126 27.50 -27.79 -18.70
C SER B 126 26.85 -27.15 -19.93
N PRO B 127 27.30 -27.53 -21.14
CA PRO B 127 26.80 -26.84 -22.35
C PRO B 127 25.29 -26.83 -22.49
N ASP B 128 24.61 -27.87 -22.02
CA ASP B 128 23.16 -27.99 -22.14
C ASP B 128 22.39 -27.00 -21.30
N SER B 129 23.05 -26.20 -20.47
CA SER B 129 22.35 -25.18 -19.70
C SER B 129 23.22 -23.98 -19.39
N ARG B 130 24.45 -23.91 -19.89
CA ARG B 130 25.33 -22.82 -19.54
C ARG B 130 24.83 -21.47 -20.04
N PHE B 131 24.09 -21.41 -21.15
CA PHE B 131 23.64 -20.11 -21.62
C PHE B 131 22.42 -19.61 -20.83
N SER B 132 21.49 -20.49 -20.49
CA SER B 132 20.43 -20.06 -19.58
C SER B 132 21.00 -19.69 -18.22
N LYS B 133 21.97 -20.46 -17.73
CA LYS B 133 22.58 -20.17 -16.44
C LYS B 133 23.37 -18.88 -16.48
N ALA B 134 24.14 -18.66 -17.55
CA ALA B 134 24.94 -17.45 -17.68
C ALA B 134 24.09 -16.23 -18.00
N GLY B 135 22.82 -16.42 -18.31
CA GLY B 135 21.93 -15.29 -18.34
C GLY B 135 21.40 -14.96 -16.96
N LEU B 136 20.78 -15.96 -16.30
CA LEU B 136 20.08 -15.65 -15.06
C LEU B 136 20.98 -15.54 -13.84
N PHE B 137 22.04 -16.34 -13.75
CA PHE B 137 22.96 -16.23 -12.63
C PHE B 137 23.59 -14.84 -12.50
N PRO B 138 24.07 -14.18 -13.57
CA PRO B 138 24.58 -12.80 -13.39
C PRO B 138 23.51 -11.79 -13.07
N ILE B 139 22.30 -11.95 -13.61
CA ILE B 139 21.20 -11.06 -13.24
C ILE B 139 20.89 -11.22 -11.76
N PHE B 140 20.89 -12.45 -11.27
CA PHE B 140 20.77 -12.70 -9.83
C PHE B 140 21.85 -11.96 -9.06
N ALA B 141 23.11 -12.13 -9.47
CA ALA B 141 24.24 -11.54 -8.75
C ALA B 141 24.29 -10.02 -8.83
N THR B 142 23.54 -9.38 -9.73
CA THR B 142 23.64 -7.93 -9.88
C THR B 142 22.34 -7.17 -9.68
N GLN B 143 21.21 -7.71 -10.12
CA GLN B 143 19.93 -7.04 -9.93
C GLN B 143 19.50 -7.16 -8.49
N SER B 144 18.88 -6.11 -7.96
CA SER B 144 18.92 -5.85 -6.54
C SER B 144 17.58 -5.29 -6.08
N ASN B 145 17.19 -5.62 -4.85
CA ASN B 145 15.87 -5.25 -4.34
C ASN B 145 15.89 -3.81 -3.82
N ASP B 146 16.15 -2.90 -4.76
CA ASP B 146 16.43 -1.52 -4.40
C ASP B 146 15.18 -0.76 -4.03
N PHE B 147 14.06 -1.09 -4.65
CA PHE B 147 12.82 -0.35 -4.40
C PHE B 147 12.13 -0.81 -3.13
N ALA B 148 11.83 -2.11 -3.01
CA ALA B 148 11.09 -2.58 -1.85
C ALA B 148 11.91 -2.44 -0.57
N LEU B 149 13.15 -2.90 -0.58
CA LEU B 149 14.00 -2.87 0.61
C LEU B 149 15.01 -1.74 0.61
N GLY B 150 15.64 -1.46 -0.54
CA GLY B 150 16.69 -0.46 -0.54
C GLY B 150 16.17 0.91 -0.15
N TYR B 151 15.05 1.33 -0.73
CA TYR B 151 14.60 2.70 -0.53
C TYR B 151 14.17 2.98 0.90
N PRO B 152 13.41 2.11 1.58
CA PRO B 152 13.13 2.39 3.01
C PRO B 152 14.38 2.47 3.86
N ILE B 153 15.37 1.63 3.57
CA ILE B 153 16.60 1.57 4.36
C ILE B 153 17.50 2.77 4.08
N VAL B 154 17.57 3.19 2.81
CA VAL B 154 18.38 4.35 2.44
C VAL B 154 17.69 5.64 2.90
N GLU B 155 16.37 5.69 2.80
CA GLU B 155 15.62 6.80 3.34
C GLU B 155 15.83 6.92 4.84
N ALA B 156 15.78 5.81 5.55
CA ALA B 156 16.04 5.83 6.99
C ALA B 156 17.43 6.34 7.29
N LEU B 157 18.45 5.74 6.66
CA LEU B 157 19.83 6.06 6.99
C LEU B 157 20.20 7.48 6.57
N TYR B 158 19.69 7.93 5.44
CA TYR B 158 20.33 9.05 4.78
C TYR B 158 19.42 10.25 4.55
N GLN B 159 18.11 10.16 4.77
CA GLN B 159 17.27 11.34 4.50
C GLN B 159 17.65 12.53 5.36
N THR B 160 18.14 12.31 6.58
CA THR B 160 18.57 13.43 7.40
C THR B 160 19.92 13.98 6.94
N THR B 161 20.92 13.12 6.77
CA THR B 161 22.27 13.59 6.48
C THR B 161 22.52 13.77 4.98
N TYR B 162 22.16 12.80 4.17
CA TYR B 162 22.52 12.79 2.74
C TYR B 162 21.30 12.44 1.89
N PRO B 163 20.31 13.32 1.82
CA PRO B 163 19.08 13.00 1.08
C PRO B 163 19.28 12.82 -0.41
N GLU B 164 20.38 13.29 -0.98
CA GLU B 164 20.64 13.07 -2.40
C GLU B 164 20.96 11.61 -2.70
N TYR B 165 21.41 10.84 -1.72
CA TYR B 165 21.67 9.42 -1.92
C TYR B 165 20.39 8.66 -2.29
N LEU B 166 19.22 9.19 -1.94
CA LEU B 166 17.96 8.59 -2.33
C LEU B 166 17.73 8.68 -3.84
N GLN B 167 18.28 9.71 -4.51
CA GLN B 167 18.22 9.78 -5.96
C GLN B 167 18.82 8.54 -6.60
N TYR B 168 19.97 8.11 -6.10
CA TYR B 168 20.77 7.12 -6.81
C TYR B 168 20.12 5.74 -6.82
N ILE B 169 19.19 5.45 -5.90
CA ILE B 169 18.39 4.24 -6.05
C ILE B 169 17.60 4.28 -7.36
N TYR B 170 16.91 5.40 -7.59
CA TYR B 170 16.10 5.55 -8.78
C TYR B 170 16.94 5.64 -10.04
N LEU B 171 18.15 6.20 -9.94
CA LEU B 171 19.04 6.15 -11.10
C LEU B 171 19.56 4.74 -11.32
N VAL B 172 20.29 4.20 -10.34
CA VAL B 172 21.08 2.98 -10.54
C VAL B 172 20.18 1.81 -10.91
N ALA B 173 19.13 1.56 -10.14
CA ALA B 173 18.36 0.35 -10.36
C ALA B 173 17.81 0.25 -11.79
N PRO B 174 17.12 1.26 -12.34
CA PRO B 174 16.66 1.16 -13.74
C PRO B 174 17.75 1.20 -14.78
N ILE B 175 18.79 2.04 -14.62
CA ILE B 175 19.90 2.01 -15.58
C ILE B 175 20.58 0.65 -15.54
N SER B 176 20.69 0.07 -14.34
CA SER B 176 21.24 -1.27 -14.19
C SER B 176 20.39 -2.30 -14.92
N LEU B 177 19.06 -2.20 -14.81
CA LEU B 177 18.19 -3.08 -15.59
C LEU B 177 18.42 -2.91 -17.09
N MET B 178 18.41 -1.66 -17.56
CA MET B 178 18.59 -1.37 -18.97
C MET B 178 19.89 -1.93 -19.51
N MET B 179 20.98 -1.82 -18.75
CA MET B 179 22.28 -2.29 -19.22
C MET B 179 22.41 -3.80 -19.10
N LEU B 180 22.11 -4.34 -17.93
CA LEU B 180 22.53 -5.69 -17.61
C LEU B 180 21.47 -6.73 -17.97
N ASN B 181 20.20 -6.46 -17.70
CA ASN B 181 19.18 -7.49 -17.96
C ASN B 181 19.10 -7.92 -19.43
N PRO B 182 19.25 -7.05 -20.44
CA PRO B 182 19.14 -7.56 -21.81
C PRO B 182 20.20 -8.58 -22.13
N ILE B 183 21.37 -8.49 -21.53
CA ILE B 183 22.42 -9.47 -21.76
C ILE B 183 21.98 -10.85 -21.29
N GLY B 184 21.33 -10.92 -20.12
CA GLY B 184 20.85 -12.20 -19.63
C GLY B 184 19.67 -12.72 -20.41
N PHE B 185 18.80 -11.84 -20.88
CA PHE B 185 17.74 -12.26 -21.78
C PHE B 185 18.31 -12.77 -23.10
N ILE B 186 19.33 -12.08 -23.64
CA ILE B 186 20.02 -12.51 -24.85
C ILE B 186 20.60 -13.90 -24.65
N PHE B 187 21.19 -14.14 -23.48
CA PHE B 187 21.72 -15.47 -23.18
C PHE B 187 20.62 -16.53 -23.09
N CYS B 188 19.46 -16.19 -22.53
CA CYS B 188 18.36 -17.15 -22.50
C CYS B 188 17.83 -17.43 -23.91
N GLU B 189 17.68 -16.38 -24.72
CA GLU B 189 17.28 -16.57 -26.11
C GLU B 189 18.31 -17.40 -26.87
N ILE B 190 19.59 -17.25 -26.52
CA ILE B 190 20.64 -18.04 -27.16
C ILE B 190 20.57 -19.49 -26.71
N GLN B 191 20.21 -19.74 -25.45
CA GLN B 191 19.98 -21.12 -25.06
C GLN B 191 18.79 -21.70 -25.82
N LYS B 192 17.71 -20.94 -25.92
CA LYS B 192 16.53 -21.39 -26.65
C LYS B 192 16.88 -21.72 -28.11
N TRP B 193 17.58 -20.80 -28.76
CA TRP B 193 18.02 -21.01 -30.13
C TRP B 193 18.97 -22.20 -30.26
N LYS B 194 19.99 -22.29 -29.40
CA LYS B 194 21.00 -23.33 -29.55
C LYS B 194 20.51 -24.70 -29.09
N LYS B 203 20.52 -13.05 -35.68
CA LYS B 203 21.19 -12.46 -34.51
C LYS B 203 20.47 -11.19 -34.05
N ILE B 204 20.05 -10.36 -35.01
CA ILE B 204 19.34 -9.12 -34.75
C ILE B 204 18.03 -9.38 -34.02
N LYS B 205 17.38 -10.52 -34.30
CA LYS B 205 16.14 -10.84 -33.60
C LYS B 205 16.39 -11.26 -32.16
N ILE B 206 17.45 -12.03 -31.91
CA ILE B 206 17.77 -12.43 -30.55
C ILE B 206 18.06 -11.20 -29.69
N VAL B 207 18.87 -10.28 -30.22
CA VAL B 207 19.17 -9.04 -29.52
C VAL B 207 17.90 -8.19 -29.35
N GLY B 208 17.04 -8.17 -30.36
CA GLY B 208 15.81 -7.41 -30.27
C GLY B 208 14.87 -7.93 -29.20
N LEU B 209 14.78 -9.26 -29.08
CA LEU B 209 13.96 -9.85 -28.02
C LEU B 209 14.52 -9.53 -26.65
N GLY B 210 15.85 -9.58 -26.49
CA GLY B 210 16.42 -9.19 -25.21
C GLY B 210 16.05 -7.77 -24.82
N LEU B 211 16.30 -6.85 -25.74
CA LEU B 211 16.04 -5.45 -25.48
C LEU B 211 14.54 -5.19 -25.29
N LEU B 212 13.69 -5.95 -25.98
CA LEU B 212 12.25 -5.77 -25.84
C LEU B 212 11.75 -6.27 -24.48
N ARG B 213 12.24 -7.42 -24.01
CA ARG B 213 11.88 -7.86 -22.66
C ARG B 213 12.30 -6.83 -21.62
N VAL B 214 13.42 -6.15 -21.86
CA VAL B 214 13.85 -5.10 -20.95
C VAL B 214 12.95 -3.87 -21.06
N LEU B 215 12.66 -3.42 -22.28
CA LEU B 215 11.82 -2.23 -22.45
C LEU B 215 10.40 -2.48 -21.97
N GLN B 216 9.93 -3.73 -22.08
CA GLN B 216 8.60 -4.11 -21.58
C GLN B 216 8.48 -4.03 -20.08
N ASN B 217 9.59 -3.98 -19.36
CA ASN B 217 9.55 -3.98 -17.91
C ASN B 217 9.02 -2.63 -17.41
N PRO B 218 8.04 -2.61 -16.51
CA PRO B 218 7.50 -1.33 -16.03
C PRO B 218 8.53 -0.45 -15.33
N ILE B 219 9.60 -1.03 -14.77
CA ILE B 219 10.68 -0.23 -14.20
C ILE B 219 11.36 0.57 -15.32
N VAL B 220 11.70 -0.09 -16.41
CA VAL B 220 12.45 0.53 -17.49
C VAL B 220 11.61 1.59 -18.19
N PHE B 221 10.37 1.25 -18.57
CA PHE B 221 9.63 2.22 -19.36
C PHE B 221 9.07 3.34 -18.51
N MET B 222 8.73 3.09 -17.24
CA MET B 222 8.31 4.25 -16.45
C MET B 222 9.48 5.13 -16.04
N VAL B 223 10.72 4.63 -16.09
CA VAL B 223 11.84 5.53 -15.92
C VAL B 223 12.14 6.32 -17.19
N PHE B 224 12.02 5.70 -18.37
CA PHE B 224 12.15 6.45 -19.61
C PHE B 224 11.06 7.52 -19.72
N ILE B 225 9.82 7.14 -19.43
CA ILE B 225 8.68 8.05 -19.43
C ILE B 225 8.86 9.14 -18.38
N GLY B 226 9.38 8.78 -17.21
CA GLY B 226 9.62 9.78 -16.17
C GLY B 226 10.74 10.74 -16.50
N ILE B 227 11.75 10.29 -17.23
CA ILE B 227 12.80 11.18 -17.72
C ILE B 227 12.23 12.13 -18.78
N ALA B 228 11.48 11.57 -19.72
CA ALA B 228 10.83 12.39 -20.74
C ALA B 228 9.93 13.43 -20.10
N PHE B 229 9.16 13.03 -19.09
CA PHE B 229 8.28 13.96 -18.42
C PHE B 229 9.01 14.83 -17.39
N ASN B 230 10.22 14.47 -17.00
CA ASN B 230 11.08 15.40 -16.26
C ASN B 230 11.39 16.60 -17.14
N PHE B 231 11.69 16.33 -18.41
CA PHE B 231 12.00 17.42 -19.33
C PHE B 231 10.73 18.17 -19.77
N ILE B 232 9.61 17.46 -19.94
CA ILE B 232 8.35 18.10 -20.32
C ILE B 232 7.86 19.02 -19.20
N LEU B 233 7.72 18.47 -17.99
CA LEU B 233 7.09 19.17 -16.87
C LEU B 233 8.04 20.08 -16.10
N ASP B 234 9.34 20.01 -16.38
CA ASP B 234 10.38 20.78 -15.68
C ASP B 234 10.30 20.62 -14.15
N ARG B 235 10.35 19.36 -13.71
CA ARG B 235 10.57 18.94 -12.33
C ARG B 235 9.46 19.38 -11.37
N LYS B 236 8.28 19.70 -11.88
CA LYS B 236 7.08 19.83 -11.07
C LYS B 236 6.05 18.83 -11.59
N VAL B 237 5.56 17.97 -10.71
CA VAL B 237 4.38 17.17 -11.04
C VAL B 237 3.15 18.06 -10.89
N PRO B 238 2.23 18.09 -11.85
CA PRO B 238 0.99 18.85 -11.66
C PRO B 238 0.25 18.39 -10.41
N VAL B 239 -0.24 19.34 -9.63
CA VAL B 239 -0.69 19.04 -8.26
C VAL B 239 -1.79 17.97 -8.23
N TYR B 240 -2.72 18.02 -9.20
CA TYR B 240 -3.75 16.99 -9.30
C TYR B 240 -3.14 15.61 -9.48
N VAL B 241 -2.21 15.48 -10.43
CA VAL B 241 -1.54 14.21 -10.68
C VAL B 241 -0.55 13.89 -9.57
N GLU B 242 -0.06 14.93 -8.88
CA GLU B 242 0.89 14.70 -7.80
C GLU B 242 0.31 13.86 -6.69
N ASN B 243 -0.82 14.27 -6.08
CA ASN B 243 -1.18 13.40 -4.95
C ASN B 243 -1.87 12.10 -5.38
N PHE B 244 -2.26 11.96 -6.65
CA PHE B 244 -2.56 10.64 -7.19
C PHE B 244 -1.32 9.74 -7.18
N LEU B 245 -0.22 10.25 -7.73
CA LEU B 245 1.03 9.51 -7.70
C LEU B 245 1.52 9.30 -6.27
N ASP B 246 1.29 10.26 -5.38
CA ASP B 246 1.61 10.07 -3.96
C ASP B 246 0.84 8.88 -3.39
N GLY B 247 -0.47 8.84 -3.58
CA GLY B 247 -1.24 7.73 -3.03
C GLY B 247 -0.71 6.38 -3.48
N LEU B 248 -0.50 6.23 -4.79
CA LEU B 248 0.01 4.96 -5.29
C LEU B 248 1.45 4.70 -4.81
N GLY B 249 2.31 5.71 -4.90
CA GLY B 249 3.70 5.54 -4.51
C GLY B 249 3.85 5.22 -3.03
N ASN B 250 3.19 5.99 -2.17
CA ASN B 250 3.19 5.69 -0.74
C ASN B 250 2.70 4.28 -0.46
N SER B 251 1.74 3.78 -1.23
CA SER B 251 1.28 2.41 -0.98
C SER B 251 2.33 1.36 -1.34
N PHE B 252 3.26 1.69 -2.26
CA PHE B 252 4.27 0.72 -2.67
C PHE B 252 5.04 0.13 -1.49
N SER B 253 5.62 0.97 -0.63
CA SER B 253 6.59 0.49 0.35
C SER B 253 6.09 -0.73 1.12
N GLY B 254 5.00 -0.53 1.87
CA GLY B 254 4.45 -1.61 2.67
C GLY B 254 3.95 -2.78 1.84
N SER B 255 3.24 -2.48 0.73
CA SER B 255 2.69 -3.59 -0.03
C SER B 255 3.77 -4.42 -0.71
N ALA B 256 4.89 -3.79 -1.07
CA ALA B 256 5.98 -4.50 -1.72
C ALA B 256 6.75 -5.37 -0.75
N LEU B 257 7.04 -4.85 0.44
CA LEU B 257 7.67 -5.68 1.46
C LEU B 257 6.76 -6.84 1.85
N PHE B 258 5.47 -6.59 1.99
CA PHE B 258 4.52 -7.65 2.31
C PHE B 258 4.41 -8.66 1.18
N TYR B 259 4.34 -8.20 -0.06
CA TYR B 259 4.31 -9.13 -1.19
C TYR B 259 5.56 -9.96 -1.25
N LEU B 260 6.72 -9.36 -0.97
CA LEU B 260 7.97 -10.11 -0.88
C LEU B 260 7.85 -11.23 0.14
N GLY B 261 7.30 -10.92 1.31
CA GLY B 261 7.03 -11.96 2.30
C GLY B 261 6.15 -13.08 1.75
N LEU B 262 5.08 -12.70 1.04
CA LEU B 262 4.18 -13.70 0.45
C LEU B 262 4.90 -14.54 -0.60
N THR B 263 5.80 -13.93 -1.38
CA THR B 263 6.53 -14.69 -2.38
C THR B 263 7.54 -15.62 -1.74
N MET B 264 7.98 -15.32 -0.52
CA MET B 264 8.98 -16.16 0.14
C MET B 264 8.44 -17.50 0.65
N VAL B 265 7.13 -17.64 0.84
CA VAL B 265 6.54 -18.81 1.48
C VAL B 265 6.80 -20.08 0.67
N GLY B 266 7.58 -21.00 1.24
CA GLY B 266 7.78 -22.30 0.65
C GLY B 266 8.72 -22.36 -0.53
N LYS B 267 9.45 -21.28 -0.81
CA LYS B 267 10.36 -21.24 -1.94
C LYS B 267 11.73 -21.82 -1.65
N ILE B 268 12.09 -21.99 -0.38
CA ILE B 268 13.35 -22.69 -0.09
C ILE B 268 13.10 -24.17 -0.29
N LYS B 269 13.62 -24.69 -1.40
CA LYS B 269 13.48 -26.08 -1.77
C LYS B 269 14.73 -26.86 -1.37
N ARG B 270 14.63 -28.19 -1.40
CA ARG B 270 15.77 -29.04 -1.09
C ARG B 270 16.61 -29.19 -2.35
N LEU B 271 17.63 -28.34 -2.46
CA LEU B 271 18.51 -28.31 -3.60
C LEU B 271 19.50 -29.48 -3.60
N LYS B 272 19.95 -29.86 -4.78
CA LYS B 272 21.10 -30.74 -4.93
C LYS B 272 22.35 -30.09 -4.31
N LYS B 273 23.37 -30.92 -4.05
CA LYS B 273 24.60 -30.40 -3.44
C LYS B 273 25.26 -29.37 -4.32
N SER B 274 25.36 -29.66 -5.62
CA SER B 274 25.94 -28.72 -6.57
C SER B 274 25.13 -27.44 -6.66
N ALA B 275 23.81 -27.58 -6.70
CA ALA B 275 22.93 -26.41 -6.78
C ALA B 275 23.05 -25.57 -5.53
N PHE B 276 23.30 -26.21 -4.38
CA PHE B 276 23.46 -25.47 -3.13
C PHE B 276 24.79 -24.72 -3.10
N VAL B 277 25.86 -25.33 -3.63
CA VAL B 277 27.11 -24.60 -3.75
C VAL B 277 26.98 -23.43 -4.71
N VAL B 278 26.28 -23.64 -5.84
CA VAL B 278 26.02 -22.55 -6.77
C VAL B 278 25.22 -21.44 -6.09
N LEU B 279 24.22 -21.82 -5.29
CA LEU B 279 23.42 -20.83 -4.57
C LEU B 279 24.29 -20.00 -3.65
N ILE B 280 25.19 -20.66 -2.90
CA ILE B 280 26.11 -19.96 -2.00
C ILE B 280 26.97 -18.98 -2.79
N LEU B 281 27.48 -19.42 -3.93
CA LEU B 281 28.37 -18.59 -4.71
C LEU B 281 27.64 -17.40 -5.34
N LEU B 282 26.38 -17.59 -5.73
CA LEU B 282 25.59 -16.48 -6.26
C LEU B 282 25.23 -15.47 -5.18
N ILE B 283 24.89 -15.95 -3.98
CA ILE B 283 24.59 -15.04 -2.88
C ILE B 283 25.86 -14.36 -2.38
N THR B 284 27.00 -15.05 -2.46
CA THR B 284 28.28 -14.41 -2.15
C THR B 284 28.59 -13.32 -3.16
N ALA B 285 28.34 -13.59 -4.45
CA ALA B 285 28.47 -12.56 -5.45
C ALA B 285 27.59 -11.34 -5.14
N LYS B 286 26.33 -11.57 -4.78
CA LYS B 286 25.43 -10.43 -4.54
C LYS B 286 25.80 -9.68 -3.26
N LEU B 287 26.06 -10.39 -2.17
CA LEU B 287 26.12 -9.77 -0.85
C LEU B 287 27.53 -9.51 -0.34
N LEU B 288 28.56 -10.03 -1.01
CA LEU B 288 29.94 -9.79 -0.60
C LEU B 288 30.77 -9.21 -1.75
N VAL B 289 30.81 -9.89 -2.90
CA VAL B 289 31.65 -9.44 -4.01
C VAL B 289 31.12 -8.14 -4.59
N LEU B 290 29.82 -8.08 -4.88
CA LEU B 290 29.26 -6.86 -5.45
C LEU B 290 29.43 -5.65 -4.54
N PRO B 291 29.08 -5.69 -3.25
CA PRO B 291 29.27 -4.49 -2.43
C PRO B 291 30.72 -4.12 -2.21
N LEU B 292 31.62 -5.10 -2.10
CA LEU B 292 33.04 -4.79 -2.06
C LEU B 292 33.48 -4.09 -3.33
N LEU B 293 33.04 -4.60 -4.49
CA LEU B 293 33.34 -3.95 -5.77
C LEU B 293 32.70 -2.58 -5.86
N CYS B 294 31.51 -2.39 -5.30
CA CYS B 294 30.88 -1.08 -5.31
C CYS B 294 31.71 -0.09 -4.52
N ARG B 295 32.12 -0.47 -3.31
CA ARG B 295 32.93 0.40 -2.47
C ARG B 295 34.28 0.67 -3.14
N GLU B 296 34.86 -0.35 -3.76
CA GLU B 296 36.13 -0.20 -4.47
C GLU B 296 36.00 0.70 -5.68
N MET B 297 34.94 0.50 -6.48
CA MET B 297 34.75 1.33 -7.66
C MET B 297 34.49 2.77 -7.29
N VAL B 298 33.72 3.01 -6.22
CA VAL B 298 33.56 4.39 -5.77
C VAL B 298 34.89 4.96 -5.32
N GLU B 299 35.69 4.17 -4.61
CA GLU B 299 36.96 4.70 -4.13
C GLU B 299 37.97 4.86 -5.26
N LEU B 300 37.79 4.14 -6.37
CA LEU B 300 38.60 4.36 -7.57
C LEU B 300 38.14 5.58 -8.35
N LEU B 301 36.82 5.74 -8.51
CA LEU B 301 36.27 6.59 -9.55
C LEU B 301 35.69 7.91 -9.04
N ASP B 302 35.27 8.02 -7.78
CA ASP B 302 34.82 9.31 -7.26
C ASP B 302 36.02 10.18 -6.89
N LYS B 303 35.95 11.47 -7.25
CA LYS B 303 36.98 12.44 -6.93
C LYS B 303 36.46 13.61 -6.08
N GLY B 304 35.31 13.47 -5.44
CA GLY B 304 34.71 14.52 -4.62
C GLY B 304 35.63 15.12 -3.57
N ASP B 305 35.53 16.45 -3.38
CA ASP B 305 36.54 17.17 -2.61
C ASP B 305 36.59 16.73 -1.15
N SER B 306 35.43 16.53 -0.53
CA SER B 306 35.37 16.24 0.90
C SER B 306 35.67 14.77 1.14
N VAL B 307 36.63 14.50 2.02
CA VAL B 307 36.91 13.12 2.39
C VAL B 307 35.76 12.53 3.21
N VAL B 308 35.05 13.35 3.99
CA VAL B 308 33.89 12.85 4.71
C VAL B 308 32.81 12.40 3.73
N ASN B 309 32.53 13.22 2.72
CA ASN B 309 31.49 12.87 1.76
C ASN B 309 31.88 11.66 0.93
N HIS B 310 33.17 11.55 0.56
CA HIS B 310 33.68 10.37 -0.13
C HIS B 310 33.51 9.11 0.72
N THR B 311 33.86 9.19 2.00
CA THR B 311 33.70 8.06 2.90
C THR B 311 32.24 7.62 2.96
N SER B 312 31.33 8.59 3.13
CA SER B 312 29.91 8.23 3.21
C SER B 312 29.41 7.68 1.88
N LEU B 313 29.97 8.16 0.78
CA LEU B 313 29.56 7.71 -0.54
C LEU B 313 29.98 6.26 -0.79
N SER B 314 31.20 5.90 -0.39
CA SER B 314 31.63 4.52 -0.55
C SER B 314 30.99 3.59 0.48
N ASN B 315 30.71 4.08 1.69
CA ASN B 315 29.90 3.31 2.64
C ASN B 315 28.50 3.06 2.08
N TYR B 316 27.91 4.08 1.46
CA TYR B 316 26.60 3.92 0.82
C TYR B 316 26.68 2.89 -0.29
N ALA B 317 27.72 2.97 -1.12
CA ALA B 317 27.93 2.01 -2.19
C ALA B 317 27.97 0.58 -1.65
N PHE B 318 28.60 0.40 -0.49
CA PHE B 318 28.59 -0.93 0.12
C PHE B 318 27.16 -1.36 0.48
N LEU B 319 26.41 -0.49 1.16
CA LEU B 319 25.06 -0.91 1.55
C LEU B 319 24.19 -1.14 0.33
N TYR B 320 24.41 -0.35 -0.72
CA TYR B 320 23.68 -0.55 -1.96
C TYR B 320 23.98 -1.93 -2.54
N GLY B 321 25.23 -2.39 -2.46
CA GLY B 321 25.53 -3.74 -2.89
C GLY B 321 24.83 -4.81 -2.06
N VAL B 322 24.71 -4.58 -0.74
CA VAL B 322 24.18 -5.59 0.17
C VAL B 322 22.67 -5.80 0.08
N PHE B 323 21.95 -4.97 -0.67
CA PHE B 323 20.52 -5.20 -0.85
C PHE B 323 20.30 -6.58 -1.47
N PRO B 324 19.22 -7.29 -1.11
CA PRO B 324 19.05 -8.65 -1.61
C PRO B 324 18.65 -8.66 -3.09
N VAL B 325 18.60 -9.87 -3.65
CA VAL B 325 18.24 -10.00 -5.06
C VAL B 325 16.80 -9.56 -5.27
N ALA B 326 16.54 -8.92 -6.40
CA ALA B 326 15.20 -8.45 -6.69
C ALA B 326 14.27 -9.64 -6.89
N PRO B 327 13.05 -9.60 -6.35
CA PRO B 327 12.10 -10.68 -6.65
C PRO B 327 11.82 -10.81 -8.13
N GLY B 328 12.05 -9.75 -8.90
CA GLY B 328 11.88 -9.80 -10.35
C GLY B 328 12.72 -10.86 -11.03
N VAL B 329 13.89 -11.19 -10.47
CA VAL B 329 14.70 -12.27 -11.04
C VAL B 329 13.98 -13.60 -10.91
N ALA B 330 13.35 -13.85 -9.76
CA ALA B 330 12.60 -15.07 -9.56
C ALA B 330 11.32 -15.08 -10.37
N ILE B 331 10.71 -13.91 -10.55
CA ILE B 331 9.53 -13.82 -11.41
C ILE B 331 9.90 -14.20 -12.85
N PHE B 332 11.00 -13.67 -13.35
CA PHE B 332 11.56 -14.06 -14.64
C PHE B 332 11.86 -15.57 -14.69
N ALA B 333 12.55 -16.08 -13.68
CA ALA B 333 12.95 -17.49 -13.68
C ALA B 333 11.75 -18.43 -13.65
N THR B 334 10.74 -18.14 -12.82
CA THR B 334 9.54 -18.97 -12.79
C THR B 334 8.76 -18.85 -14.09
N GLN B 335 8.64 -17.63 -14.63
CA GLN B 335 7.87 -17.41 -15.85
C GLN B 335 8.47 -18.16 -17.04
N PHE B 336 9.79 -18.06 -17.23
CA PHE B 336 10.44 -18.84 -18.28
C PHE B 336 10.91 -20.23 -17.80
N ASN B 337 10.50 -20.64 -16.60
CA ASN B 337 10.76 -21.99 -16.05
C ASN B 337 12.24 -22.37 -16.16
N MET B 338 13.11 -21.42 -15.83
CA MET B 338 14.56 -21.60 -15.90
C MET B 338 15.13 -21.61 -14.50
N GLU B 339 15.81 -22.70 -14.13
CA GLU B 339 16.69 -22.73 -12.97
C GLU B 339 15.98 -22.24 -11.71
N VAL B 340 14.70 -22.59 -11.64
CA VAL B 340 13.75 -21.96 -10.74
C VAL B 340 14.17 -22.17 -9.29
N GLU B 341 14.57 -23.39 -8.95
CA GLU B 341 14.82 -23.71 -7.55
C GLU B 341 16.02 -22.93 -7.01
N ILE B 342 17.09 -22.77 -7.81
CA ILE B 342 18.25 -22.01 -7.36
C ILE B 342 17.89 -20.54 -7.22
N ILE B 343 17.16 -19.99 -8.19
CA ILE B 343 16.95 -18.55 -8.24
C ILE B 343 15.87 -18.11 -7.24
N THR B 344 14.81 -18.89 -7.08
CA THR B 344 13.80 -18.61 -6.05
C THR B 344 14.37 -18.81 -4.66
N SER B 345 15.02 -19.95 -4.40
CA SER B 345 15.65 -20.17 -3.10
C SER B 345 16.65 -19.07 -2.79
N GLY B 346 17.49 -18.73 -3.77
CA GLY B 346 18.50 -17.73 -3.56
C GLY B 346 17.95 -16.35 -3.34
N MET B 347 16.82 -16.02 -3.97
CA MET B 347 16.17 -14.74 -3.71
C MET B 347 15.66 -14.68 -2.27
N VAL B 348 15.04 -15.76 -1.79
CA VAL B 348 14.53 -15.81 -0.41
C VAL B 348 15.69 -15.78 0.59
N ILE B 349 16.71 -16.59 0.36
CA ILE B 349 17.85 -16.66 1.27
C ILE B 349 18.63 -15.36 1.24
N SER B 350 18.78 -14.74 0.07
CA SER B 350 19.41 -13.43 -0.03
C SER B 350 18.63 -12.39 0.76
N THR B 351 17.30 -12.42 0.69
CA THR B 351 16.50 -11.50 1.48
C THR B 351 16.76 -11.68 2.98
N PHE B 352 16.67 -12.91 3.47
CA PHE B 352 16.86 -13.17 4.90
C PHE B 352 18.28 -12.86 5.36
N VAL B 353 19.28 -13.23 4.57
CA VAL B 353 20.68 -13.05 4.93
C VAL B 353 21.13 -11.59 4.77
N SER B 354 20.48 -10.83 3.88
CA SER B 354 20.87 -9.44 3.70
C SER B 354 20.56 -8.60 4.93
N ALA B 355 19.54 -8.96 5.70
CA ALA B 355 19.20 -8.20 6.90
C ALA B 355 20.35 -8.15 7.89
N PRO B 356 20.91 -9.28 8.36
CA PRO B 356 22.07 -9.16 9.23
C PRO B 356 23.29 -8.59 8.53
N ILE B 357 23.50 -8.90 7.26
CA ILE B 357 24.68 -8.37 6.59
C ILE B 357 24.58 -6.85 6.47
N MET B 358 23.39 -6.33 6.15
CA MET B 358 23.19 -4.88 6.14
C MET B 358 23.47 -4.25 7.51
N TYR B 359 22.88 -4.81 8.57
CA TYR B 359 23.08 -4.24 9.91
C TYR B 359 24.56 -4.29 10.31
N VAL B 360 25.15 -5.48 10.22
CA VAL B 360 26.53 -5.68 10.65
C VAL B 360 27.47 -4.83 9.82
N SER B 361 27.29 -4.82 8.50
CA SER B 361 28.15 -4.03 7.62
C SER B 361 28.05 -2.55 7.91
N ALA B 362 26.83 -2.02 7.98
CA ALA B 362 26.67 -0.59 8.17
C ALA B 362 27.31 -0.13 9.48
N TRP B 363 27.20 -0.95 10.52
CA TRP B 363 27.85 -0.61 11.77
C TRP B 363 29.38 -0.71 11.67
N LEU B 364 29.89 -1.79 11.08
CA LEU B 364 31.33 -1.90 10.84
C LEU B 364 31.86 -0.66 10.15
N LEU B 365 31.16 -0.25 9.09
CA LEU B 365 31.59 0.86 8.25
C LEU B 365 31.53 2.19 8.98
N THR B 366 30.66 2.33 9.98
CA THR B 366 30.68 3.56 10.78
C THR B 366 31.69 3.54 11.93
N PHE B 367 32.27 2.40 12.28
CA PHE B 367 33.31 2.40 13.31
C PHE B 367 34.53 3.26 12.99
N PRO B 368 34.99 3.40 11.73
CA PRO B 368 35.99 4.43 11.41
C PRO B 368 35.54 5.86 11.64
N THR B 369 34.23 6.14 11.64
CA THR B 369 33.73 7.48 11.93
C THR B 369 33.23 7.63 13.36
N MET B 370 33.82 6.89 14.30
CA MET B 370 33.41 6.91 15.70
C MET B 370 34.65 6.96 16.60
N ASP B 371 34.42 7.37 17.85
CA ASP B 371 35.41 7.59 18.89
C ASP B 371 35.20 6.60 20.04
N PRO B 372 36.28 6.11 20.68
CA PRO B 372 36.17 4.87 21.47
C PRO B 372 35.05 4.82 22.51
N LYS B 373 34.63 5.94 23.10
CA LYS B 373 33.59 5.87 24.12
C LYS B 373 32.20 5.71 23.50
N PRO B 374 31.72 6.61 22.63
CA PRO B 374 30.50 6.30 21.87
C PRO B 374 30.61 5.05 21.04
N LEU B 375 31.82 4.62 20.69
CA LEU B 375 31.99 3.35 19.99
C LEU B 375 31.67 2.16 20.91
N ALA B 376 32.05 2.23 22.18
CA ALA B 376 31.65 1.19 23.11
C ALA B 376 30.14 1.19 23.33
N TYR B 377 29.56 2.38 23.52
CA TYR B 377 28.10 2.45 23.65
C TYR B 377 27.42 1.92 22.39
N ALA B 378 28.00 2.21 21.24
CA ALA B 378 27.48 1.70 19.97
C ALA B 378 27.49 0.18 19.94
N ILE B 379 28.58 -0.46 20.37
CA ILE B 379 28.54 -1.92 20.25
C ILE B 379 27.65 -2.55 21.31
N GLN B 380 27.46 -1.92 22.48
CA GLN B 380 26.46 -2.46 23.39
C GLN B 380 25.05 -2.22 22.86
N ASN B 381 24.82 -1.11 22.16
CA ASN B 381 23.54 -0.82 21.54
C ASN B 381 23.25 -1.79 20.38
N VAL B 382 24.26 -2.04 19.54
CA VAL B 382 24.21 -3.08 18.53
C VAL B 382 23.88 -4.43 19.15
N SER B 383 24.62 -4.81 20.18
CA SER B 383 24.43 -6.12 20.79
C SER B 383 23.07 -6.22 21.45
N PHE B 384 22.55 -5.14 21.99
CA PHE B 384 21.20 -5.14 22.54
C PHE B 384 20.17 -5.36 21.45
N ASP B 385 20.36 -4.75 20.28
CA ASP B 385 19.45 -4.97 19.16
C ASP B 385 19.53 -6.40 18.62
N ILE B 386 20.76 -6.91 18.45
CA ILE B 386 20.97 -8.27 17.98
C ILE B 386 20.42 -9.28 18.98
N SER B 387 20.58 -9.00 20.28
CA SER B 387 20.05 -9.92 21.28
C SER B 387 18.53 -9.83 21.37
N ILE B 388 17.92 -8.67 21.07
CA ILE B 388 16.46 -8.61 21.03
C ILE B 388 15.91 -9.42 19.86
N VAL B 389 16.44 -9.22 18.65
CA VAL B 389 15.90 -9.98 17.52
C VAL B 389 16.22 -11.45 17.67
N SER B 390 17.39 -11.76 18.21
CA SER B 390 17.74 -13.15 18.47
C SER B 390 16.84 -13.75 19.52
N LEU B 391 16.58 -13.04 20.63
CA LEU B 391 15.74 -13.59 21.68
C LEU B 391 14.32 -13.82 21.19
N ILE B 392 13.77 -12.87 20.42
CA ILE B 392 12.43 -13.07 19.87
C ILE B 392 12.41 -14.28 18.95
N SER B 393 13.42 -14.41 18.09
CA SER B 393 13.51 -15.55 17.18
C SER B 393 13.74 -16.86 17.92
N LEU B 394 14.45 -16.82 19.04
CA LEU B 394 14.76 -17.99 19.83
C LEU B 394 13.59 -18.42 20.69
N ILE B 395 12.84 -17.47 21.24
CA ILE B 395 11.61 -17.82 21.93
C ILE B 395 10.65 -18.51 20.97
N TRP B 396 10.56 -18.02 19.73
CA TRP B 396 9.72 -18.69 18.74
C TRP B 396 10.25 -20.08 18.40
N SER B 397 11.57 -20.20 18.20
CA SER B 397 12.16 -21.51 17.92
C SER B 397 11.93 -22.48 19.07
N LEU B 398 12.05 -22.01 20.30
CA LEU B 398 11.81 -22.86 21.45
C LEU B 398 10.35 -23.26 21.54
N ALA B 399 9.44 -22.31 21.34
CA ALA B 399 8.02 -22.62 21.33
C ALA B 399 7.71 -23.70 20.32
N ILE B 400 8.28 -23.59 19.13
CA ILE B 400 8.06 -24.63 18.12
C ILE B 400 8.65 -25.96 18.55
N LEU B 401 9.91 -25.96 18.99
CA LEU B 401 10.57 -27.21 19.41
C LEU B 401 9.83 -27.89 20.55
N LEU B 402 9.26 -27.10 21.47
CA LEU B 402 8.56 -27.63 22.63
C LEU B 402 7.15 -28.08 22.29
N LEU B 403 6.34 -27.18 21.70
CA LEU B 403 4.94 -27.51 21.42
C LEU B 403 4.80 -28.56 20.32
N SER B 404 5.80 -28.71 19.46
CA SER B 404 5.82 -29.82 18.51
C SER B 404 6.24 -31.13 19.17
N LYS B 405 6.64 -31.09 20.43
CA LYS B 405 7.24 -32.19 21.18
C LYS B 405 8.54 -32.69 20.56
N LYS B 406 9.08 -31.99 19.56
CA LYS B 406 10.37 -32.36 18.97
C LYS B 406 11.48 -32.33 20.01
N TYR B 407 11.31 -31.56 21.08
CA TYR B 407 12.30 -31.53 22.15
C TYR B 407 12.47 -32.88 22.84
N LYS B 408 11.61 -33.86 22.54
CA LYS B 408 11.77 -35.22 23.03
C LYS B 408 12.56 -36.14 22.12
N GLN B 409 12.84 -35.72 20.87
CA GLN B 409 13.43 -36.57 19.85
C GLN B 409 14.87 -36.14 19.56
N LEU B 410 15.77 -37.11 19.43
CA LEU B 410 17.11 -36.80 18.93
C LEU B 410 17.08 -36.55 17.42
N PRO B 411 17.87 -35.59 16.91
CA PRO B 411 18.81 -34.71 17.62
C PRO B 411 18.13 -33.49 18.24
N HIS B 412 16.84 -33.28 17.97
CA HIS B 412 16.16 -32.06 18.39
C HIS B 412 16.16 -31.85 19.90
N MET B 413 16.29 -32.92 20.70
CA MET B 413 16.37 -32.74 22.15
C MET B 413 17.64 -31.99 22.55
N LEU B 414 18.75 -32.37 21.95
CA LEU B 414 19.98 -31.64 22.15
C LEU B 414 19.96 -30.28 21.45
N THR B 415 19.30 -30.18 20.29
CA THR B 415 19.13 -28.88 19.65
C THR B 415 18.33 -27.93 20.54
N THR B 416 17.38 -28.47 21.30
CA THR B 416 16.61 -27.65 22.21
C THR B 416 17.49 -27.16 23.35
N ASN B 417 18.44 -27.98 23.78
CA ASN B 417 19.44 -27.46 24.73
C ASN B 417 20.25 -26.32 24.12
N LEU B 418 20.63 -26.42 22.85
CA LEU B 418 21.32 -25.30 22.20
C LEU B 418 20.43 -24.06 22.13
N LEU B 419 19.15 -24.23 21.84
CA LEU B 419 18.24 -23.09 21.74
C LEU B 419 17.94 -22.49 23.11
N ILE B 420 17.94 -23.30 24.16
CA ILE B 420 17.86 -22.79 25.52
C ILE B 420 19.11 -21.99 25.87
N ALA B 421 20.28 -22.50 25.50
CA ALA B 421 21.52 -21.80 25.78
C ALA B 421 21.59 -20.48 25.02
N GLN B 422 21.20 -20.48 23.75
CA GLN B 422 21.15 -19.26 22.99
C GLN B 422 20.12 -18.28 23.55
N SER B 423 19.01 -18.79 24.08
CA SER B 423 18.05 -17.90 24.71
C SER B 423 18.64 -17.28 25.98
N ILE B 424 19.41 -18.05 26.73
CA ILE B 424 20.03 -17.51 27.93
C ILE B 424 21.12 -16.49 27.57
N VAL B 425 21.82 -16.64 26.43
CA VAL B 425 22.75 -15.56 26.09
C VAL B 425 22.01 -14.31 25.63
N CYS B 426 20.85 -14.43 25.00
CA CYS B 426 20.17 -13.20 24.58
C CYS B 426 19.45 -12.52 25.74
N ALA B 427 18.90 -13.30 26.66
CA ALA B 427 18.55 -12.78 27.96
C ALA B 427 19.75 -12.12 28.63
N GLY B 428 20.89 -12.79 28.64
CA GLY B 428 22.04 -12.31 29.37
C GLY B 428 22.60 -11.03 28.81
N MET B 429 22.54 -10.86 27.48
CA MET B 429 23.02 -9.63 26.88
C MET B 429 22.07 -8.47 27.19
N MET B 430 20.76 -8.70 27.13
CA MET B 430 19.84 -7.64 27.53
C MET B 430 20.00 -7.29 29.01
N ILE B 431 20.23 -8.29 29.86
CA ILE B 431 20.44 -8.03 31.29
C ILE B 431 21.75 -7.29 31.51
N TRP B 432 22.80 -7.68 30.77
CA TRP B 432 24.10 -7.02 30.91
C TRP B 432 24.02 -5.57 30.50
N ASN B 433 23.25 -5.25 29.46
CA ASN B 433 23.16 -3.86 29.04
C ASN B 433 22.64 -2.97 30.16
N PHE B 434 21.80 -3.52 31.05
CA PHE B 434 21.35 -2.80 32.22
C PHE B 434 22.38 -2.84 33.35
N VAL B 435 23.01 -4.00 33.56
CA VAL B 435 23.88 -4.24 34.72
C VAL B 435 25.30 -3.72 34.53
N LYS B 436 25.67 -3.31 33.32
CA LYS B 436 27.07 -2.98 33.00
C LYS B 436 27.62 -1.83 33.85
N GLU B 437 26.75 -0.98 34.39
CA GLU B 437 27.18 0.12 35.26
C GLU B 437 27.11 -0.24 36.74
N LYS B 438 26.38 -1.30 37.10
CA LYS B 438 25.94 -1.52 38.46
C LYS B 438 26.99 -2.22 39.31
N ASN B 439 26.61 -2.57 40.54
CA ASN B 439 27.54 -3.04 41.56
C ASN B 439 28.10 -4.42 41.22
N PHE B 440 29.22 -4.75 41.87
CA PHE B 440 30.09 -5.85 41.43
C PHE B 440 29.40 -7.21 41.48
N VAL B 441 28.63 -7.50 42.54
CA VAL B 441 28.06 -8.84 42.66
C VAL B 441 27.02 -9.09 41.58
N GLY B 442 26.21 -8.08 41.23
CA GLY B 442 25.27 -8.23 40.13
C GLY B 442 25.98 -8.51 38.82
N GLN B 443 27.09 -7.79 38.58
CA GLN B 443 27.87 -8.02 37.38
C GLN B 443 28.40 -9.46 37.33
N ILE B 444 28.89 -9.97 38.47
CA ILE B 444 29.37 -11.35 38.49
C ILE B 444 28.22 -12.32 38.19
N LEU B 445 27.07 -12.11 38.82
CA LEU B 445 25.96 -13.04 38.65
C LEU B 445 25.55 -13.12 37.19
N VAL B 446 25.32 -11.96 36.56
CA VAL B 446 24.93 -11.93 35.15
C VAL B 446 26.04 -12.46 34.25
N PHE B 447 27.30 -12.24 34.63
CA PHE B 447 28.39 -12.80 33.86
C PHE B 447 28.37 -14.32 33.91
N VAL B 448 28.06 -14.89 35.07
CA VAL B 448 28.01 -16.35 35.16
C VAL B 448 26.91 -16.89 34.26
N LEU B 449 25.74 -16.26 34.30
CA LEU B 449 24.67 -16.59 33.38
C LEU B 449 25.13 -16.50 31.92
N LEU B 450 25.72 -15.36 31.55
CA LEU B 450 26.01 -15.08 30.16
C LEU B 450 27.12 -15.96 29.61
N TYR B 451 28.22 -16.12 30.35
CA TYR B 451 29.31 -16.91 29.78
C TYR B 451 29.07 -18.41 29.94
N SER B 452 28.38 -18.87 30.99
CA SER B 452 28.03 -20.28 31.02
C SER B 452 27.13 -20.63 29.84
N SER B 453 26.16 -19.77 29.52
CA SER B 453 25.30 -20.05 28.38
C SER B 453 26.05 -19.92 27.05
N LEU B 454 26.91 -18.92 26.94
CA LEU B 454 27.65 -18.70 25.69
C LEU B 454 28.60 -19.87 25.40
N TYR B 455 29.47 -20.17 26.36
CA TYR B 455 30.33 -21.35 26.23
C TYR B 455 29.50 -22.60 26.01
N SER B 456 28.30 -22.65 26.59
CA SER B 456 27.42 -23.78 26.36
C SER B 456 26.99 -23.87 24.91
N THR B 457 26.71 -22.73 24.26
CA THR B 457 26.34 -22.78 22.84
C THR B 457 27.48 -23.34 22.00
N TYR B 458 28.71 -22.99 22.36
CA TYR B 458 29.84 -23.57 21.63
C TYR B 458 29.92 -25.08 21.83
N LEU B 459 29.90 -25.50 23.10
CA LEU B 459 29.91 -26.93 23.42
C LEU B 459 28.78 -27.65 22.70
N TRP B 460 27.60 -27.04 22.63
CA TRP B 460 26.44 -27.66 22.01
C TRP B 460 26.57 -27.75 20.50
N THR B 461 27.30 -26.84 19.85
CA THR B 461 27.58 -27.08 18.44
C THR B 461 28.42 -28.33 18.27
N GLY B 462 29.45 -28.46 19.11
CA GLY B 462 30.22 -29.70 19.11
C GLY B 462 29.35 -30.91 19.37
N LEU B 463 28.53 -30.84 20.41
CA LEU B 463 27.76 -32.00 20.87
C LEU B 463 26.60 -32.31 19.94
N LEU B 464 26.13 -31.33 19.16
CA LEU B 464 25.17 -31.62 18.10
C LEU B 464 25.83 -32.37 16.97
N ALA B 465 27.04 -31.97 16.58
CA ALA B 465 27.71 -32.75 15.55
C ALA B 465 28.06 -34.15 16.05
N ILE B 466 28.38 -34.28 17.35
CA ILE B 466 28.56 -35.63 17.92
C ILE B 466 27.24 -36.37 17.98
N SER B 467 26.14 -35.66 18.23
CA SER B 467 24.82 -36.31 18.21
C SER B 467 24.52 -36.85 16.83
N LEU B 468 24.80 -36.07 15.80
CA LEU B 468 24.60 -36.53 14.42
C LEU B 468 25.54 -37.69 14.09
N PHE B 469 26.76 -37.67 14.62
CA PHE B 469 27.67 -38.80 14.41
C PHE B 469 27.16 -40.06 15.10
N LEU B 470 26.69 -39.93 16.35
CA LEU B 470 26.14 -41.06 17.08
C LEU B 470 24.79 -41.52 16.52
N LEU B 471 24.08 -40.65 15.80
CA LEU B 471 22.87 -41.06 15.09
C LEU B 471 23.20 -41.68 13.74
N LYS B 472 24.26 -41.23 13.08
CA LYS B 472 24.69 -41.81 11.81
C LYS B 472 25.17 -43.24 12.00
N LYS B 473 26.13 -43.44 12.90
CA LYS B 473 26.59 -44.77 13.24
C LYS B 473 25.43 -45.59 13.80
N ARG B 474 25.41 -46.89 13.48
CA ARG B 474 24.24 -47.74 13.70
C ARG B 474 23.70 -47.61 15.12
N VAL B 481 22.44 -39.51 26.59
CA VAL B 481 21.86 -38.16 26.59
C VAL B 481 22.12 -37.44 27.91
N GLY B 482 22.13 -38.16 29.03
CA GLY B 482 22.39 -37.52 30.31
C GLY B 482 23.79 -36.93 30.40
N ILE B 483 24.79 -37.72 30.00
CA ILE B 483 26.15 -37.21 29.93
C ILE B 483 26.24 -36.08 28.91
N ILE B 484 25.48 -36.15 27.82
CA ILE B 484 25.57 -35.11 26.81
C ILE B 484 24.94 -33.80 27.30
N ILE B 485 23.91 -33.88 28.15
CA ILE B 485 23.29 -32.66 28.68
C ILE B 485 24.13 -32.07 29.82
N ILE B 486 24.72 -32.92 30.68
CA ILE B 486 25.67 -32.44 31.68
C ILE B 486 26.92 -31.87 31.01
N SER B 487 27.38 -32.46 29.91
CA SER B 487 28.59 -31.93 29.29
C SER B 487 28.29 -30.68 28.47
N GLY B 488 27.08 -30.57 27.92
CA GLY B 488 26.68 -29.37 27.22
C GLY B 488 26.51 -28.17 28.13
N TRP B 489 26.20 -28.37 29.40
CA TRP B 489 26.04 -27.23 30.29
C TRP B 489 27.06 -27.16 31.41
N GLY B 490 27.25 -28.24 32.15
CA GLY B 490 28.09 -28.21 33.34
C GLY B 490 29.54 -27.86 33.02
N ILE B 491 30.10 -28.49 32.00
CA ILE B 491 31.50 -28.22 31.64
C ILE B 491 31.65 -26.74 31.26
N PRO B 492 30.85 -26.18 30.35
CA PRO B 492 30.99 -24.75 30.05
C PRO B 492 30.59 -23.83 31.20
N ALA B 493 29.74 -24.28 32.12
CA ALA B 493 29.51 -23.49 33.32
C ALA B 493 30.72 -23.51 34.24
N LEU B 494 31.34 -24.68 34.42
CA LEU B 494 32.51 -24.80 35.26
C LEU B 494 33.69 -23.99 34.71
N LEU B 495 33.76 -23.86 33.39
CA LEU B 495 34.81 -23.05 32.78
C LEU B 495 34.72 -21.58 33.23
N VAL B 496 33.53 -21.10 33.58
CA VAL B 496 33.40 -19.74 34.10
C VAL B 496 34.06 -19.63 35.46
N GLY B 497 34.00 -20.69 36.27
CA GLY B 497 34.71 -20.69 37.53
C GLY B 497 36.21 -20.70 37.33
N VAL B 498 36.69 -21.54 36.42
CA VAL B 498 38.10 -21.51 36.04
C VAL B 498 38.51 -20.08 35.68
N LEU B 499 37.65 -19.38 34.93
CA LEU B 499 37.93 -18.04 34.45
C LEU B 499 37.86 -16.99 35.57
N LEU B 500 36.86 -17.08 36.46
CA LEU B 500 36.81 -16.21 37.63
C LEU B 500 38.02 -16.42 38.54
N ILE B 501 38.45 -17.68 38.65
CA ILE B 501 39.69 -18.06 39.30
C ILE B 501 40.88 -17.62 38.46
N SER B 512 31.60 -6.36 27.84
CA SER B 512 31.78 -7.45 28.80
C SER B 512 33.03 -8.27 28.50
N ALA B 513 33.47 -8.22 27.25
CA ALA B 513 34.36 -9.24 26.68
C ALA B 513 35.77 -9.23 27.26
N PHE B 514 36.14 -8.21 28.03
CA PHE B 514 37.48 -8.12 28.58
C PHE B 514 37.48 -7.88 30.10
N PHE B 515 36.33 -8.04 30.74
CA PHE B 515 36.19 -8.03 32.20
C PHE B 515 37.24 -8.93 32.86
N TYR B 516 37.47 -10.11 32.26
CA TYR B 516 38.58 -10.99 32.62
C TYR B 516 39.53 -11.17 31.44
N GLY B 517 39.54 -10.22 30.52
CA GLY B 517 40.66 -9.96 29.63
C GLY B 517 41.26 -11.14 28.91
N LYS B 518 42.60 -11.22 28.97
CA LYS B 518 43.34 -12.26 28.26
C LYS B 518 42.85 -13.66 28.65
N GLU B 519 42.58 -13.91 29.93
CA GLU B 519 42.03 -15.20 30.35
C GLU B 519 40.65 -15.43 29.73
N GLN B 520 39.83 -14.38 29.68
CA GLN B 520 38.50 -14.49 29.12
C GLN B 520 38.56 -14.91 27.67
N MET B 521 39.36 -14.20 26.87
CA MET B 521 39.52 -14.59 25.47
C MET B 521 40.26 -15.92 25.32
N ILE B 522 41.10 -16.30 26.28
CA ILE B 522 41.77 -17.61 26.19
C ILE B 522 40.76 -18.74 26.40
N THR B 523 39.99 -18.68 27.50
CA THR B 523 38.97 -19.68 27.74
C THR B 523 37.98 -19.73 26.59
N THR B 524 37.58 -18.55 26.09
CA THR B 524 36.67 -18.45 24.97
C THR B 524 37.25 -19.11 23.73
N ALA B 525 38.50 -18.77 23.39
CA ALA B 525 39.16 -19.38 22.25
C ALA B 525 39.26 -20.88 22.41
N VAL B 526 39.67 -21.36 23.59
CA VAL B 526 39.81 -22.79 23.81
C VAL B 526 38.47 -23.49 23.66
N THR B 527 37.40 -22.89 24.20
CA THR B 527 36.07 -23.48 24.10
C THR B 527 35.59 -23.53 22.65
N LEU B 528 35.85 -22.45 21.90
CA LEU B 528 35.53 -22.42 20.47
C LEU B 528 36.34 -23.45 19.69
N PHE B 529 37.63 -23.58 20.02
CA PHE B 529 38.53 -24.53 19.37
C PHE B 529 38.07 -25.96 19.64
N CYS B 530 37.80 -26.28 20.90
CA CYS B 530 37.26 -27.60 21.22
C CYS B 530 35.95 -27.84 20.51
N SER B 531 35.08 -26.82 20.42
CA SER B 531 33.82 -26.99 19.70
C SER B 531 34.05 -27.28 18.22
N ILE B 532 34.97 -26.53 17.60
CA ILE B 532 35.28 -26.73 16.17
C ILE B 532 35.88 -28.11 15.95
N LEU B 533 36.79 -28.55 16.81
CA LEU B 533 37.39 -29.86 16.62
C LEU B 533 36.37 -30.97 16.86
N ILE B 534 35.59 -30.84 17.95
CA ILE B 534 34.53 -31.80 18.23
C ILE B 534 33.59 -31.91 17.04
N ALA B 535 33.15 -30.76 16.52
CA ALA B 535 32.16 -30.76 15.44
C ALA B 535 32.77 -31.19 14.11
N GLY B 536 33.95 -30.68 13.78
CA GLY B 536 34.59 -31.07 12.53
C GLY B 536 34.90 -32.55 12.49
N ILE B 537 35.50 -33.06 13.56
CA ILE B 537 35.82 -34.48 13.62
C ILE B 537 34.53 -35.30 13.55
N SER B 538 33.47 -34.88 14.26
CA SER B 538 32.26 -35.70 14.25
C SER B 538 31.51 -35.61 12.92
N LEU B 539 31.46 -34.43 12.28
CA LEU B 539 30.85 -34.33 10.96
C LEU B 539 31.63 -35.13 9.93
N MET B 540 32.97 -35.13 9.99
CA MET B 540 33.72 -35.91 9.00
C MET B 540 33.62 -37.41 9.30
N CYS B 541 33.58 -37.81 10.58
CA CYS B 541 33.40 -39.21 10.90
C CYS B 541 32.00 -39.69 10.55
N MET B 542 31.01 -38.79 10.52
CA MET B 542 29.72 -39.11 9.91
C MET B 542 29.86 -39.24 8.39
N ASN B 543 30.67 -38.37 7.79
CA ASN B 543 30.99 -38.44 6.37
C ASN B 543 32.02 -39.53 6.11
N GLN B 654 15.93 -33.86 7.86
CA GLN B 654 16.00 -33.47 9.26
C GLN B 654 17.45 -33.43 9.73
N LEU B 655 18.15 -34.55 9.51
CA LEU B 655 19.58 -34.59 9.79
C LEU B 655 20.33 -33.62 8.91
N THR B 656 19.86 -33.42 7.66
CA THR B 656 20.48 -32.43 6.78
C THR B 656 20.35 -31.02 7.36
N ARG B 657 19.18 -30.68 7.91
CA ARG B 657 19.03 -29.36 8.52
C ARG B 657 19.92 -29.21 9.72
N HIS B 658 20.06 -30.27 10.52
CA HIS B 658 20.99 -30.20 11.65
C HIS B 658 22.42 -30.03 11.18
N VAL B 659 22.82 -30.74 10.12
CA VAL B 659 24.17 -30.58 9.57
C VAL B 659 24.38 -29.15 9.09
N LEU B 660 23.38 -28.57 8.43
CA LEU B 660 23.53 -27.21 7.93
C LEU B 660 23.60 -26.20 9.07
N LEU B 661 22.79 -26.39 10.11
CA LEU B 661 22.92 -25.54 11.30
C LEU B 661 24.30 -25.67 11.89
N CYS B 662 24.78 -26.91 12.03
CA CYS B 662 26.11 -27.12 12.59
C CYS B 662 27.19 -26.51 11.71
N LEU B 663 27.06 -26.61 10.39
CA LEU B 663 28.03 -26.02 9.47
C LEU B 663 28.07 -24.50 9.62
N LEU B 664 26.91 -23.86 9.57
CA LEU B 664 26.86 -22.41 9.73
C LEU B 664 27.46 -22.00 11.06
N LEU B 665 27.09 -22.71 12.12
CA LEU B 665 27.63 -22.40 13.43
C LEU B 665 29.13 -22.67 13.50
N ILE B 666 29.64 -23.70 12.80
CA ILE B 666 31.07 -23.98 12.80
C ILE B 666 31.84 -22.88 12.08
N ILE B 667 31.29 -22.37 10.98
CA ILE B 667 31.91 -21.22 10.31
C ILE B 667 31.88 -20.00 11.20
N GLY B 668 30.78 -19.81 11.93
CA GLY B 668 30.71 -18.72 12.89
C GLY B 668 31.67 -18.89 14.05
N LEU B 669 31.80 -20.13 14.55
CA LEU B 669 32.74 -20.41 15.63
C LEU B 669 34.17 -20.24 15.14
N PHE B 670 34.43 -20.48 13.86
CA PHE B 670 35.75 -20.24 13.31
C PHE B 670 36.04 -18.75 13.20
N ALA B 671 35.06 -17.97 12.72
CA ALA B 671 35.19 -16.51 12.74
C ALA B 671 35.43 -16.00 14.16
N ASN B 672 34.70 -16.57 15.11
CA ASN B 672 34.79 -16.18 16.51
C ASN B 672 36.14 -16.59 17.12
N LEU B 673 36.58 -17.81 16.85
CA LEU B 673 37.87 -18.30 17.31
C LEU B 673 39.00 -17.45 16.77
N SER B 674 39.01 -17.22 15.46
CA SER B 674 40.06 -16.42 14.86
C SER B 674 40.02 -14.98 15.35
N SER B 675 38.82 -14.42 15.57
CA SER B 675 38.73 -13.05 16.06
C SER B 675 39.27 -12.95 17.49
N CYS B 676 38.90 -13.91 18.35
CA CYS B 676 39.44 -13.92 19.70
C CYS B 676 40.96 -14.14 19.71
N LEU B 677 41.46 -15.02 18.85
CA LEU B 677 42.90 -15.23 18.74
C LEU B 677 43.62 -13.99 18.25
N TRP B 678 43.06 -13.33 17.24
CA TRP B 678 43.68 -12.14 16.68
C TRP B 678 43.66 -11.00 17.70
N TRP B 679 42.61 -10.92 18.52
CA TRP B 679 42.64 -10.02 19.67
C TRP B 679 43.78 -10.39 20.61
N LEU B 680 43.89 -11.68 20.94
CA LEU B 680 44.95 -12.16 21.83
C LEU B 680 46.33 -11.87 21.27
N PHE B 681 46.46 -11.68 19.96
CA PHE B 681 47.72 -11.30 19.33
C PHE B 681 47.86 -9.78 19.15
N ASN B 682 46.79 -9.02 19.35
CA ASN B 682 46.85 -7.55 19.34
C ASN B 682 46.43 -7.00 20.69
N LEU B 688 41.68 -2.10 16.58
CA LEU B 688 40.77 -3.07 15.98
C LEU B 688 39.98 -3.84 17.03
N TYR B 689 40.37 -3.68 18.30
CA TYR B 689 39.83 -4.50 19.39
C TYR B 689 38.31 -4.51 19.37
N VAL B 690 37.69 -3.33 19.27
CA VAL B 690 36.24 -3.20 19.42
C VAL B 690 35.52 -3.73 18.19
N GLU B 691 36.16 -3.68 17.03
CA GLU B 691 35.60 -4.27 15.81
C GLU B 691 35.64 -5.79 15.86
N LEU B 692 36.74 -6.38 16.34
CA LEU B 692 36.85 -7.82 16.56
C LEU B 692 35.89 -8.29 17.65
N GLN B 693 35.74 -7.50 18.70
CA GLN B 693 34.79 -7.80 19.75
C GLN B 693 33.36 -7.72 19.23
N PHE B 694 33.09 -6.77 18.34
CA PHE B 694 31.76 -6.67 17.73
C PHE B 694 31.47 -7.85 16.82
N PHE B 695 32.47 -8.33 16.08
CA PHE B 695 32.18 -9.52 15.27
C PHE B 695 32.02 -10.77 16.13
N CYS B 696 32.77 -10.86 17.23
CA CYS B 696 32.50 -11.90 18.22
C CYS B 696 31.10 -11.76 18.79
N ALA B 697 30.69 -10.55 19.16
CA ALA B 697 29.37 -10.33 19.74
C ALA B 697 28.26 -10.63 18.75
N VAL B 698 28.50 -10.36 17.47
CA VAL B 698 27.55 -10.69 16.43
C VAL B 698 27.31 -12.19 16.42
N PHE B 699 28.37 -13.01 16.44
CA PHE B 699 28.07 -14.43 16.56
C PHE B 699 27.47 -14.77 17.92
N ASN B 700 28.11 -14.34 19.00
CA ASN B 700 27.73 -14.70 20.36
C ASN B 700 26.25 -14.47 20.63
N PHE B 701 25.70 -13.35 20.18
CA PHE B 701 24.31 -13.06 20.47
C PHE B 701 23.38 -13.21 19.27
N GLY B 702 23.88 -13.16 18.03
CA GLY B 702 23.04 -13.37 16.88
C GLY B 702 22.96 -14.79 16.38
N GLN B 703 23.71 -15.73 16.98
CA GLN B 703 23.62 -17.14 16.59
C GLN B 703 22.20 -17.68 16.68
N GLY B 704 21.38 -17.10 17.54
CA GLY B 704 20.00 -17.51 17.62
C GLY B 704 19.22 -17.24 16.36
N PHE B 705 19.62 -16.20 15.61
CA PHE B 705 19.02 -15.91 14.32
C PHE B 705 19.29 -17.03 13.33
N ILE B 706 20.50 -17.62 13.37
CA ILE B 706 20.82 -18.76 12.52
C ILE B 706 19.96 -19.96 12.92
N SER B 707 19.86 -20.21 14.23
CA SER B 707 19.05 -21.33 14.70
C SER B 707 17.58 -21.14 14.35
N PHE B 708 17.11 -19.89 14.36
CA PHE B 708 15.75 -19.59 13.92
C PHE B 708 15.60 -19.81 12.42
N GLY B 709 16.59 -19.39 11.64
CA GLY B 709 16.52 -19.59 10.20
C GLY B 709 16.33 -21.04 9.83
N ILE B 710 17.02 -21.94 10.52
CA ILE B 710 16.95 -23.34 10.12
C ILE B 710 15.87 -24.12 10.86
N PHE B 711 15.67 -23.90 12.17
CA PHE B 711 14.67 -24.65 12.90
C PHE B 711 13.48 -23.84 13.41
N GLY B 712 13.48 -22.53 13.23
CA GLY B 712 12.33 -21.74 13.62
C GLY B 712 11.25 -21.63 12.57
N LEU B 713 11.54 -22.04 11.33
CA LEU B 713 10.62 -21.86 10.22
C LEU B 713 10.23 -23.17 9.55
N ASP B 714 10.46 -24.31 10.20
CA ASP B 714 10.15 -25.62 9.64
C ASP B 714 8.66 -25.93 9.81
N LYS B 715 8.19 -26.94 9.07
CA LYS B 715 6.78 -27.29 9.00
C LYS B 715 6.36 -28.15 10.18
N HIS B 716 6.63 -27.66 11.39
CA HIS B 716 6.28 -28.34 12.64
C HIS B 716 4.87 -27.99 13.10
#